data_2DVL
#
_entry.id   2DVL
#
_cell.length_a   116.479
_cell.length_b   116.479
_cell.length_c   149.394
_cell.angle_alpha   90.00
_cell.angle_beta   90.00
_cell.angle_gamma   90.00
#
_symmetry.space_group_name_H-M   'P 41 21 2'
#
loop_
_entity.id
_entity.type
_entity.pdbx_description
1 polymer 'Acyl-CoA dehydrogenase'
2 non-polymer 'FLAVIN-ADENINE DINUCLEOTIDE'
3 water water
#
_entity_poly.entity_id   1
_entity_poly.type   'polypeptide(L)'
_entity_poly.pdbx_seq_one_letter_code
;MTLTQEQRLVLDAVRRVAREVLYPLAPEYDRKAEYPWPQLKALAELGLLGMTTPEEWGGVGLDSVTWALALEELAAADPS
VAVIVSVTSGLPQYMLLRFGSEAQKRRYLVPLARGEWIGAFCLTEPQAGSDAKSLRAEARRVKGGFVLNGVKSWITSAGH
AHLYVVMARTEKGISAFLVEKGTPGLSFGRPEEKMGLHAAHTAEVRLEEVFVPEENLLGEEGRGLAYALAGLDSGRVGVA
AQAVGIARGAFEIAKAYAEEREQFGKKLKEHQAIAFKIADMHVKIAAARALVLEAARKKDRGERFTLEASAAKLFASAAA
VEVTREAVQVLGGYGYHRDYRVERYYRDAKVTEIYEGTSEIQRLVIARELYR
;
_entity_poly.pdbx_strand_id   A,B
#
# COMPACT_ATOMS: atom_id res chain seq x y z
N LEU A 3 4.61 3.05 17.04
CA LEU A 3 5.22 1.90 17.77
C LEU A 3 5.22 2.12 19.28
N THR A 4 4.91 1.08 20.03
CA THR A 4 4.89 1.17 21.50
C THR A 4 6.32 1.10 22.01
N GLN A 5 6.51 1.44 23.28
CA GLN A 5 7.84 1.42 23.87
C GLN A 5 8.52 0.05 23.75
N GLU A 6 7.77 -1.02 24.02
CA GLU A 6 8.34 -2.37 23.94
C GLU A 6 8.75 -2.72 22.52
N GLN A 7 7.92 -2.37 21.54
CA GLN A 7 8.22 -2.66 20.15
C GLN A 7 9.50 -1.96 19.68
N ARG A 8 9.69 -0.70 20.08
CA ARG A 8 10.89 0.04 19.70
C ARG A 8 12.15 -0.59 20.28
N LEU A 9 12.02 -1.14 21.50
CA LEU A 9 13.15 -1.78 22.15
C LEU A 9 13.61 -3.00 21.36
N VAL A 10 12.66 -3.83 20.95
CA VAL A 10 12.99 -5.02 20.17
C VAL A 10 13.62 -4.60 18.85
N LEU A 11 12.97 -3.67 18.14
CA LEU A 11 13.48 -3.20 16.86
C LEU A 11 14.83 -2.49 16.99
N ASP A 12 15.02 -1.75 18.07
CA ASP A 12 16.30 -1.06 18.27
C ASP A 12 17.38 -2.14 18.32
N ALA A 13 17.05 -3.26 18.94
CA ALA A 13 17.99 -4.38 19.05
C ALA A 13 18.22 -5.02 17.67
N VAL A 14 17.18 -5.06 16.84
CA VAL A 14 17.34 -5.65 15.52
C VAL A 14 18.28 -4.79 14.68
N ARG A 15 18.09 -3.47 14.72
CA ARG A 15 18.93 -2.55 13.95
C ARG A 15 20.39 -2.70 14.29
N ARG A 16 20.69 -2.77 15.59
CA ARG A 16 22.08 -2.90 16.04
C ARG A 16 22.78 -4.08 15.42
N VAL A 17 22.23 -5.27 15.60
CA VAL A 17 22.84 -6.47 15.05
C VAL A 17 22.87 -6.42 13.51
N ALA A 18 21.80 -5.95 12.89
CA ALA A 18 21.79 -5.87 11.42
C ALA A 18 22.86 -4.88 10.94
N ARG A 19 22.98 -3.74 11.63
CA ARG A 19 23.94 -2.72 11.25
C ARG A 19 25.38 -2.96 11.69
N GLU A 20 25.59 -3.69 12.78
CA GLU A 20 26.94 -3.94 13.28
C GLU A 20 27.52 -5.30 12.95
N VAL A 21 26.65 -6.24 12.59
CA VAL A 21 27.08 -7.59 12.27
C VAL A 21 26.73 -7.98 10.83
N LEU A 22 25.44 -7.94 10.50
CA LEU A 22 25.00 -8.31 9.17
C LEU A 22 25.56 -7.44 8.05
N TYR A 23 25.32 -6.14 8.13
CA TYR A 23 25.81 -5.24 7.07
C TYR A 23 27.31 -5.37 6.78
N PRO A 24 28.15 -5.28 7.82
CA PRO A 24 29.60 -5.38 7.64
C PRO A 24 30.09 -6.67 6.98
N LEU A 25 29.49 -7.79 7.34
CA LEU A 25 29.91 -9.07 6.79
C LEU A 25 29.24 -9.48 5.48
N ALA A 26 28.09 -8.93 5.19
CA ALA A 26 27.37 -9.33 3.98
C ALA A 26 28.20 -9.43 2.71
N PRO A 27 29.00 -8.40 2.40
CA PRO A 27 29.80 -8.47 1.17
C PRO A 27 30.72 -9.68 0.99
N GLU A 28 31.53 -10.01 1.99
CA GLU A 28 32.44 -11.14 1.83
C GLU A 28 31.72 -12.48 1.85
N TYR A 29 30.62 -12.58 2.59
CA TYR A 29 29.88 -13.84 2.62
C TYR A 29 29.14 -14.06 1.31
N ASP A 30 28.75 -12.98 0.65
CA ASP A 30 28.06 -13.09 -0.63
C ASP A 30 29.06 -13.52 -1.71
N ARG A 31 30.23 -12.90 -1.66
CA ARG A 31 31.32 -13.16 -2.60
C ARG A 31 31.80 -14.60 -2.48
N LYS A 32 31.99 -15.07 -1.25
CA LYS A 32 32.47 -16.42 -1.03
C LYS A 32 31.36 -17.47 -0.96
N ALA A 33 30.11 -17.03 -1.10
CA ALA A 33 28.98 -17.94 -1.01
C ALA A 33 29.15 -18.77 0.25
N GLU A 34 29.50 -18.09 1.35
CA GLU A 34 29.73 -18.75 2.62
C GLU A 34 28.51 -18.74 3.56
N TYR A 35 28.24 -19.88 4.19
CA TYR A 35 27.11 -19.97 5.12
C TYR A 35 27.39 -18.98 6.26
N PRO A 36 26.40 -18.14 6.61
CA PRO A 36 26.50 -17.11 7.66
C PRO A 36 26.39 -17.51 9.14
N TRP A 37 27.21 -18.45 9.59
CA TRP A 37 27.16 -18.89 10.99
C TRP A 37 27.35 -17.76 12.01
N PRO A 38 28.41 -16.93 11.85
CA PRO A 38 28.58 -15.86 12.84
C PRO A 38 27.33 -14.98 12.99
N GLN A 39 26.75 -14.58 11.86
CA GLN A 39 25.57 -13.74 11.91
C GLN A 39 24.44 -14.50 12.59
N LEU A 40 24.29 -15.77 12.25
CA LEU A 40 23.25 -16.62 12.83
C LEU A 40 23.42 -16.77 14.34
N LYS A 41 24.66 -16.89 14.77
CA LYS A 41 24.97 -17.02 16.18
C LYS A 41 24.66 -15.69 16.88
N ALA A 42 25.05 -14.57 16.28
CA ALA A 42 24.78 -13.28 16.88
C ALA A 42 23.27 -13.08 17.01
N LEU A 43 22.51 -13.56 16.02
CA LEU A 43 21.05 -13.41 16.07
C LEU A 43 20.45 -14.37 17.10
N ALA A 44 21.01 -15.58 17.19
CA ALA A 44 20.52 -16.55 18.15
C ALA A 44 20.63 -16.03 19.58
N GLU A 45 21.76 -15.42 19.91
CA GLU A 45 21.98 -14.89 21.26
C GLU A 45 20.91 -13.89 21.66
N LEU A 46 20.31 -13.23 20.67
CA LEU A 46 19.27 -12.23 20.90
C LEU A 46 17.89 -12.85 20.79
N GLY A 47 17.84 -14.17 20.65
CA GLY A 47 16.58 -14.87 20.53
C GLY A 47 15.87 -14.60 19.22
N LEU A 48 16.55 -13.91 18.31
CA LEU A 48 15.96 -13.57 17.02
C LEU A 48 15.71 -14.73 16.05
N LEU A 49 16.14 -15.93 16.41
CA LEU A 49 15.88 -17.10 15.57
C LEU A 49 14.60 -17.76 16.06
N GLY A 50 13.90 -17.07 16.97
CA GLY A 50 12.66 -17.57 17.51
C GLY A 50 11.64 -16.48 17.74
N MET A 51 11.62 -15.49 16.85
CA MET A 51 10.68 -14.38 16.97
C MET A 51 9.22 -14.83 16.94
N THR A 52 8.95 -15.87 16.17
CA THR A 52 7.60 -16.40 16.00
C THR A 52 7.13 -17.45 17.01
N THR A 53 7.93 -17.72 18.02
CA THR A 53 7.56 -18.72 19.02
C THR A 53 7.40 -18.09 20.41
N PRO A 54 6.43 -18.58 21.21
CA PRO A 54 6.17 -18.08 22.57
C PRO A 54 7.38 -18.32 23.49
N GLU A 55 7.48 -17.53 24.56
CA GLU A 55 8.59 -17.67 25.50
C GLU A 55 8.59 -19.02 26.21
N GLU A 56 7.41 -19.56 26.49
CA GLU A 56 7.33 -20.85 27.18
C GLU A 56 7.93 -21.97 26.33
N TRP A 57 8.26 -21.67 25.08
CA TRP A 57 8.85 -22.67 24.21
C TRP A 57 10.24 -22.30 23.71
N GLY A 58 10.81 -21.24 24.27
CA GLY A 58 12.13 -20.82 23.88
C GLY A 58 12.20 -19.62 22.96
N GLY A 59 11.05 -19.08 22.59
CA GLY A 59 11.04 -17.93 21.70
C GLY A 59 10.92 -16.61 22.44
N VAL A 60 10.71 -15.53 21.68
CA VAL A 60 10.57 -14.21 22.27
C VAL A 60 9.15 -13.70 21.99
N GLY A 61 8.32 -14.58 21.43
CA GLY A 61 6.93 -14.26 21.13
C GLY A 61 6.55 -12.84 20.76
N LEU A 62 7.18 -12.32 19.71
CA LEU A 62 6.90 -10.96 19.24
C LEU A 62 5.56 -10.93 18.50
N ASP A 63 4.97 -9.74 18.38
CA ASP A 63 3.72 -9.62 17.63
C ASP A 63 4.10 -9.54 16.14
N SER A 64 3.17 -9.92 15.28
CA SER A 64 3.42 -9.93 13.84
C SER A 64 4.01 -8.65 13.23
N VAL A 65 3.62 -7.50 13.75
CA VAL A 65 4.15 -6.24 13.24
C VAL A 65 5.64 -6.09 13.55
N THR A 66 6.03 -6.31 14.81
CA THR A 66 7.43 -6.20 15.18
C THR A 66 8.22 -7.26 14.43
N TRP A 67 7.58 -8.41 14.22
CA TRP A 67 8.18 -9.51 13.50
C TRP A 67 8.48 -9.06 12.06
N ALA A 68 7.43 -8.60 11.39
CA ALA A 68 7.53 -8.13 10.00
C ALA A 68 8.58 -7.04 9.86
N LEU A 69 8.54 -6.05 10.73
CA LEU A 69 9.50 -4.96 10.68
C LEU A 69 10.93 -5.46 10.92
N ALA A 70 11.07 -6.44 11.81
CA ALA A 70 12.39 -6.98 12.09
C ALA A 70 12.95 -7.70 10.85
N LEU A 71 12.14 -8.53 10.21
CA LEU A 71 12.60 -9.23 9.02
C LEU A 71 13.00 -8.21 7.98
N GLU A 72 12.22 -7.14 7.85
CA GLU A 72 12.54 -6.09 6.89
C GLU A 72 13.95 -5.57 7.16
N GLU A 73 14.19 -5.28 8.43
CA GLU A 73 15.48 -4.76 8.89
C GLU A 73 16.61 -5.74 8.63
N LEU A 74 16.39 -7.02 8.88
CA LEU A 74 17.44 -8.01 8.63
C LEU A 74 17.75 -8.16 7.12
N ALA A 75 16.72 -8.14 6.29
CA ALA A 75 16.88 -8.28 4.85
C ALA A 75 17.62 -7.08 4.25
N ALA A 76 17.34 -5.90 4.77
CA ALA A 76 17.97 -4.68 4.29
C ALA A 76 19.49 -4.78 4.45
N ALA A 77 19.96 -5.43 5.50
CA ALA A 77 21.39 -5.57 5.73
C ALA A 77 21.99 -6.82 5.07
N ASP A 78 21.20 -7.90 4.97
CA ASP A 78 21.66 -9.11 4.31
C ASP A 78 20.50 -10.06 4.01
N PRO A 79 20.01 -10.02 2.77
CA PRO A 79 18.90 -10.85 2.31
C PRO A 79 19.12 -12.33 2.58
N SER A 80 20.37 -12.78 2.46
CA SER A 80 20.70 -14.19 2.68
C SER A 80 20.44 -14.61 4.11
N VAL A 81 20.89 -13.81 5.07
CA VAL A 81 20.66 -14.13 6.47
C VAL A 81 19.17 -14.08 6.78
N ALA A 82 18.47 -13.08 6.25
CA ALA A 82 17.04 -12.95 6.48
C ALA A 82 16.26 -14.18 6.01
N VAL A 83 16.64 -14.74 4.86
CA VAL A 83 15.96 -15.92 4.35
C VAL A 83 16.11 -17.10 5.31
N ILE A 84 17.35 -17.35 5.74
CA ILE A 84 17.62 -18.45 6.65
C ILE A 84 16.82 -18.27 7.94
N VAL A 85 16.76 -17.04 8.42
CA VAL A 85 16.01 -16.74 9.63
C VAL A 85 14.54 -17.09 9.40
N SER A 86 13.93 -16.47 8.39
CA SER A 86 12.52 -16.73 8.11
C SER A 86 12.23 -18.23 7.93
N VAL A 87 13.17 -18.98 7.36
CA VAL A 87 12.96 -20.40 7.16
C VAL A 87 13.17 -21.24 8.43
N THR A 88 14.23 -20.97 9.19
CA THR A 88 14.46 -21.73 10.41
C THR A 88 13.37 -21.47 11.45
N SER A 89 12.79 -20.26 11.41
CA SER A 89 11.73 -19.91 12.35
C SER A 89 10.41 -19.89 11.60
N GLY A 90 10.40 -20.46 10.40
CA GLY A 90 9.19 -20.52 9.60
C GLY A 90 8.40 -21.79 9.86
N LEU A 91 8.08 -22.52 8.79
CA LEU A 91 7.31 -23.75 8.93
C LEU A 91 7.83 -24.75 9.98
N PRO A 92 9.16 -24.95 10.05
CA PRO A 92 9.67 -25.89 11.05
C PRO A 92 9.15 -25.62 12.45
N GLN A 93 9.13 -24.34 12.83
CA GLN A 93 8.65 -23.96 14.16
C GLN A 93 7.13 -23.78 14.20
N TYR A 94 6.56 -23.30 13.09
CA TYR A 94 5.12 -23.10 13.03
C TYR A 94 4.41 -24.43 13.24
N MET A 95 4.85 -25.44 12.48
CA MET A 95 4.29 -26.79 12.54
C MET A 95 4.46 -27.51 13.87
N LEU A 96 5.63 -27.36 14.49
CA LEU A 96 5.87 -28.00 15.77
C LEU A 96 4.98 -27.36 16.82
N LEU A 97 5.00 -26.04 16.88
CA LEU A 97 4.19 -25.31 17.85
C LEU A 97 2.73 -25.73 17.80
N ARG A 98 2.11 -25.55 16.64
CA ARG A 98 0.70 -25.86 16.45
C ARG A 98 0.27 -27.31 16.37
N PHE A 99 1.13 -28.20 15.89
CA PHE A 99 0.74 -29.59 15.74
C PHE A 99 1.58 -30.61 16.50
N GLY A 100 2.72 -30.16 17.04
CA GLY A 100 3.58 -31.06 17.76
C GLY A 100 3.05 -31.48 19.12
N SER A 101 3.59 -32.57 19.65
CA SER A 101 3.19 -33.06 20.97
C SER A 101 4.10 -32.38 21.97
N GLU A 102 3.75 -32.48 23.26
CA GLU A 102 4.56 -31.85 24.30
C GLU A 102 6.03 -32.27 24.23
N ALA A 103 6.28 -33.56 24.06
CA ALA A 103 7.63 -34.07 23.96
C ALA A 103 8.36 -33.52 22.74
N GLN A 104 7.65 -33.42 21.61
CA GLN A 104 8.26 -32.90 20.39
C GLN A 104 8.63 -31.43 20.53
N LYS A 105 7.72 -30.62 21.05
CA LYS A 105 7.98 -29.20 21.23
C LYS A 105 9.14 -29.00 22.20
N ARG A 106 9.18 -29.80 23.27
CA ARG A 106 10.23 -29.67 24.26
C ARG A 106 11.57 -30.08 23.68
N ARG A 107 11.56 -31.12 22.86
CA ARG A 107 12.78 -31.64 22.25
C ARG A 107 13.31 -30.89 21.03
N TYR A 108 12.41 -30.45 20.15
CA TYR A 108 12.82 -29.75 18.94
C TYR A 108 12.51 -28.25 18.89
N LEU A 109 11.29 -27.86 19.24
CA LEU A 109 10.92 -26.45 19.21
C LEU A 109 11.83 -25.56 20.04
N VAL A 110 12.06 -25.92 21.29
CA VAL A 110 12.91 -25.11 22.16
C VAL A 110 14.31 -24.86 21.59
N PRO A 111 15.03 -25.93 21.20
CA PRO A 111 16.36 -25.69 20.65
C PRO A 111 16.34 -24.80 19.38
N LEU A 112 15.28 -24.90 18.59
CA LEU A 112 15.16 -24.08 17.39
C LEU A 112 14.89 -22.64 17.76
N ALA A 113 13.90 -22.43 18.63
CA ALA A 113 13.55 -21.08 19.07
C ALA A 113 14.72 -20.36 19.73
N ARG A 114 15.50 -21.09 20.53
CA ARG A 114 16.65 -20.49 21.21
C ARG A 114 17.78 -20.24 20.23
N GLY A 115 17.67 -20.82 19.04
CA GLY A 115 18.69 -20.63 18.02
C GLY A 115 19.89 -21.54 18.17
N GLU A 116 19.72 -22.65 18.89
CA GLU A 116 20.81 -23.60 19.08
C GLU A 116 20.89 -24.48 17.83
N TRP A 117 19.74 -24.63 17.17
CA TRP A 117 19.64 -25.43 15.96
C TRP A 117 19.04 -24.62 14.82
N ILE A 118 19.42 -24.97 13.60
CA ILE A 118 18.84 -24.33 12.43
C ILE A 118 17.88 -25.37 11.89
N GLY A 119 16.71 -24.94 11.43
CA GLY A 119 15.75 -25.86 10.88
C GLY A 119 15.60 -25.74 9.37
N ALA A 120 14.98 -26.75 8.76
CA ALA A 120 14.77 -26.77 7.31
C ALA A 120 13.43 -27.43 6.99
N PHE A 121 12.74 -26.94 5.96
CA PHE A 121 11.47 -27.51 5.56
C PHE A 121 11.63 -28.14 4.18
N CYS A 122 11.41 -29.44 4.07
CA CYS A 122 11.59 -30.16 2.82
C CYS A 122 10.28 -30.64 2.18
N LEU A 123 9.91 -30.00 1.08
CA LEU A 123 8.68 -30.32 0.38
C LEU A 123 8.93 -30.43 -1.12
N THR A 124 9.54 -29.40 -1.67
CA THR A 124 9.85 -29.33 -3.08
C THR A 124 10.68 -30.53 -3.57
N GLU A 125 10.33 -31.04 -4.75
CA GLU A 125 11.04 -32.16 -5.36
C GLU A 125 11.34 -31.80 -6.82
N PRO A 126 12.21 -32.57 -7.49
CA PRO A 126 12.55 -32.27 -8.89
C PRO A 126 11.35 -32.06 -9.82
N GLN A 127 10.31 -32.87 -9.66
CA GLN A 127 9.13 -32.78 -10.51
C GLN A 127 7.96 -32.04 -9.89
N ALA A 128 7.97 -31.87 -8.57
CA ALA A 128 6.87 -31.18 -7.90
C ALA A 128 7.34 -29.94 -7.15
N GLY A 129 6.83 -28.78 -7.57
CA GLY A 129 7.20 -27.52 -6.95
C GLY A 129 5.96 -26.75 -6.52
N SER A 130 5.31 -26.11 -7.47
CA SER A 130 4.10 -25.35 -7.15
C SER A 130 2.98 -26.31 -6.77
N ASP A 131 2.97 -27.47 -7.41
CA ASP A 131 1.96 -28.50 -7.17
C ASP A 131 2.48 -29.50 -6.14
N ALA A 132 2.41 -29.11 -4.87
CA ALA A 132 2.87 -29.94 -3.76
C ALA A 132 2.22 -31.32 -3.67
N LYS A 133 0.92 -31.40 -3.91
CA LYS A 133 0.18 -32.67 -3.86
C LYS A 133 0.84 -33.80 -4.63
N SER A 134 1.46 -33.48 -5.76
CA SER A 134 2.08 -34.50 -6.57
C SER A 134 3.50 -34.91 -6.15
N LEU A 135 3.85 -34.69 -4.89
CA LEU A 135 5.19 -35.08 -4.43
C LEU A 135 5.36 -36.60 -4.42
N ARG A 136 6.60 -37.07 -4.57
CA ARG A 136 6.87 -38.51 -4.62
C ARG A 136 7.61 -39.11 -3.43
N ALA A 137 8.03 -38.29 -2.47
CA ALA A 137 8.73 -38.79 -1.30
C ALA A 137 7.90 -39.91 -0.66
N GLU A 138 8.54 -41.05 -0.42
CA GLU A 138 7.83 -42.20 0.13
C GLU A 138 8.09 -42.51 1.59
N ALA A 139 7.01 -42.78 2.32
CA ALA A 139 7.09 -43.11 3.73
C ALA A 139 6.27 -44.36 4.01
N ARG A 140 6.94 -45.50 4.17
CA ARG A 140 6.23 -46.75 4.44
C ARG A 140 6.26 -47.10 5.93
N ARG A 141 5.15 -47.63 6.43
CA ARG A 141 5.09 -48.02 7.83
C ARG A 141 5.90 -49.30 8.02
N VAL A 142 7.00 -49.18 8.77
CA VAL A 142 7.87 -50.31 9.03
C VAL A 142 7.68 -50.75 10.47
N LYS A 143 8.56 -51.62 10.95
CA LYS A 143 8.47 -52.11 12.32
C LYS A 143 8.71 -51.04 13.37
N GLY A 144 7.64 -50.65 14.06
CA GLY A 144 7.74 -49.63 15.10
C GLY A 144 8.22 -48.27 14.65
N GLY A 145 8.06 -47.97 13.36
CA GLY A 145 8.49 -46.69 12.85
C GLY A 145 8.09 -46.41 11.41
N PHE A 146 9.03 -45.85 10.65
CA PHE A 146 8.81 -45.51 9.25
C PHE A 146 10.14 -45.55 8.50
N VAL A 147 10.06 -45.81 7.19
CA VAL A 147 11.25 -45.82 6.35
C VAL A 147 10.95 -44.92 5.18
N LEU A 148 11.72 -43.84 5.06
CA LEU A 148 11.53 -42.86 3.99
C LEU A 148 12.49 -43.01 2.82
N ASN A 149 11.99 -42.68 1.62
CA ASN A 149 12.79 -42.72 0.41
C ASN A 149 12.37 -41.60 -0.52
N GLY A 150 13.36 -40.93 -1.11
CA GLY A 150 13.05 -39.84 -2.01
C GLY A 150 14.09 -38.75 -2.06
N VAL A 151 13.80 -37.71 -2.84
CA VAL A 151 14.69 -36.57 -2.98
C VAL A 151 13.90 -35.29 -2.83
N LYS A 152 14.48 -34.35 -2.10
CA LYS A 152 13.84 -33.05 -1.92
C LYS A 152 14.86 -32.05 -2.47
N SER A 153 14.39 -31.11 -3.26
CA SER A 153 15.32 -30.15 -3.85
C SER A 153 15.03 -28.72 -3.44
N TRP A 154 16.04 -27.86 -3.61
CA TRP A 154 15.95 -26.45 -3.26
C TRP A 154 15.74 -26.22 -1.77
N ILE A 155 16.32 -27.08 -0.94
CA ILE A 155 16.14 -26.96 0.50
C ILE A 155 17.07 -25.98 1.15
N THR A 156 16.50 -24.90 1.68
CA THR A 156 17.27 -23.87 2.35
C THR A 156 17.90 -24.41 3.63
N SER A 157 19.20 -24.18 3.79
CA SER A 157 19.98 -24.63 4.95
C SER A 157 20.32 -26.11 4.91
N ALA A 158 20.05 -26.76 3.78
CA ALA A 158 20.35 -28.17 3.61
C ALA A 158 21.81 -28.45 3.98
N GLY A 159 22.03 -29.47 4.80
CA GLY A 159 23.39 -29.81 5.18
C GLY A 159 23.98 -28.94 6.29
N HIS A 160 23.18 -28.02 6.82
CA HIS A 160 23.64 -27.15 7.90
C HIS A 160 22.62 -27.23 9.02
N ALA A 161 21.38 -27.51 8.63
CA ALA A 161 20.29 -27.62 9.57
C ALA A 161 20.48 -28.91 10.34
N HIS A 162 20.04 -28.90 11.60
CA HIS A 162 20.13 -30.07 12.45
C HIS A 162 18.81 -30.83 12.36
N LEU A 163 17.72 -30.08 12.20
CA LEU A 163 16.39 -30.66 12.12
C LEU A 163 15.74 -30.41 10.76
N TYR A 164 15.21 -31.48 10.18
CA TYR A 164 14.57 -31.43 8.87
C TYR A 164 13.13 -31.92 8.90
N VAL A 165 12.21 -31.06 8.51
CA VAL A 165 10.81 -31.46 8.46
C VAL A 165 10.56 -31.93 7.03
N VAL A 166 10.60 -33.25 6.83
CA VAL A 166 10.40 -33.89 5.53
C VAL A 166 8.97 -34.29 5.22
N MET A 167 8.45 -33.84 4.08
CA MET A 167 7.09 -34.16 3.67
C MET A 167 7.06 -35.36 2.72
N ALA A 168 6.70 -36.52 3.25
CA ALA A 168 6.64 -37.74 2.44
C ALA A 168 5.22 -38.31 2.50
N ARG A 169 4.90 -39.22 1.58
CA ARG A 169 3.57 -39.82 1.57
C ARG A 169 3.51 -41.25 2.10
N THR A 170 2.43 -41.56 2.79
CA THR A 170 2.20 -42.90 3.32
C THR A 170 0.86 -43.33 2.72
N GLU A 171 0.50 -44.60 2.87
CA GLU A 171 -0.76 -45.11 2.34
C GLU A 171 -1.96 -44.24 2.70
N LYS A 172 -1.85 -43.50 3.79
CA LYS A 172 -2.95 -42.63 4.23
C LYS A 172 -2.80 -41.22 3.67
N GLY A 173 -1.63 -40.91 3.15
CA GLY A 173 -1.41 -39.59 2.58
C GLY A 173 -0.12 -38.91 2.97
N ILE A 174 0.06 -37.70 2.46
CA ILE A 174 1.25 -36.91 2.75
C ILE A 174 1.30 -36.58 4.24
N SER A 175 2.43 -36.90 4.86
CA SER A 175 2.62 -36.66 6.28
C SER A 175 3.87 -35.84 6.57
N ALA A 176 3.97 -35.35 7.80
CA ALA A 176 5.11 -34.55 8.25
C ALA A 176 6.05 -35.41 9.09
N PHE A 177 7.33 -35.41 8.74
CA PHE A 177 8.32 -36.20 9.47
C PHE A 177 9.49 -35.38 9.97
N LEU A 178 9.87 -35.61 11.22
CA LEU A 178 10.98 -34.90 11.83
C LEU A 178 12.21 -35.79 11.67
N VAL A 179 13.26 -35.27 11.06
CA VAL A 179 14.47 -36.04 10.84
C VAL A 179 15.68 -35.23 11.26
N GLU A 180 16.47 -35.79 12.17
CA GLU A 180 17.68 -35.11 12.65
C GLU A 180 18.87 -35.42 11.76
N LYS A 181 19.81 -34.49 11.70
CA LYS A 181 21.01 -34.69 10.92
C LYS A 181 21.77 -35.85 11.55
N GLY A 182 22.47 -36.63 10.74
CA GLY A 182 23.22 -37.75 11.26
C GLY A 182 22.49 -39.07 11.08
N THR A 183 21.17 -39.02 10.93
CA THR A 183 20.38 -40.22 10.74
C THR A 183 20.90 -40.95 9.49
N PRO A 184 21.11 -42.27 9.59
CA PRO A 184 21.61 -43.06 8.46
C PRO A 184 20.68 -43.01 7.24
N GLY A 185 21.28 -42.84 6.06
CA GLY A 185 20.50 -42.78 4.85
C GLY A 185 20.24 -41.37 4.35
N LEU A 186 20.39 -40.39 5.25
CA LEU A 186 20.18 -38.98 4.93
C LEU A 186 21.48 -38.33 4.49
N SER A 187 21.53 -37.87 3.24
CA SER A 187 22.72 -37.22 2.69
C SER A 187 22.33 -35.87 2.08
N PHE A 188 23.31 -35.11 1.62
CA PHE A 188 23.05 -33.81 1.05
C PHE A 188 23.86 -33.54 -0.20
N GLY A 189 23.25 -32.82 -1.15
CA GLY A 189 23.95 -32.48 -2.37
C GLY A 189 24.75 -31.21 -2.13
N ARG A 190 25.57 -30.82 -3.10
CA ARG A 190 26.37 -29.60 -2.98
C ARG A 190 25.45 -28.40 -3.21
N PRO A 191 25.64 -27.31 -2.44
CA PRO A 191 24.80 -26.13 -2.60
C PRO A 191 24.65 -25.71 -4.06
N GLU A 192 23.42 -25.44 -4.47
CA GLU A 192 23.11 -25.04 -5.84
C GLU A 192 23.74 -23.69 -6.18
N GLU A 193 24.23 -23.58 -7.40
CA GLU A 193 24.84 -22.35 -7.88
C GLU A 193 23.70 -21.44 -8.37
N LYS A 194 23.36 -20.43 -7.59
CA LYS A 194 22.27 -19.53 -7.93
C LYS A 194 22.70 -18.10 -8.28
N MET A 195 21.77 -17.35 -8.86
CA MET A 195 21.99 -15.96 -9.25
C MET A 195 22.32 -15.11 -8.03
N GLY A 196 21.60 -15.35 -6.94
CA GLY A 196 21.83 -14.59 -5.73
C GLY A 196 21.66 -15.40 -4.46
N LEU A 197 21.41 -14.71 -3.34
CA LEU A 197 21.27 -15.36 -2.03
C LEU A 197 22.41 -16.36 -1.88
N HIS A 198 23.59 -15.96 -2.31
CA HIS A 198 24.78 -16.79 -2.28
C HIS A 198 25.08 -17.46 -0.93
N ALA A 199 25.09 -16.68 0.15
CA ALA A 199 25.39 -17.23 1.48
C ALA A 199 24.31 -18.17 1.98
N ALA A 200 23.10 -18.02 1.44
CA ALA A 200 22.00 -18.88 1.85
C ALA A 200 22.01 -20.17 1.03
N HIS A 201 22.84 -21.12 1.45
CA HIS A 201 22.96 -22.40 0.77
C HIS A 201 21.63 -23.13 0.64
N THR A 202 21.35 -23.62 -0.57
CA THR A 202 20.16 -24.41 -0.82
C THR A 202 20.69 -25.63 -1.54
N ALA A 203 20.18 -26.81 -1.19
CA ALA A 203 20.67 -28.02 -1.82
C ALA A 203 19.71 -29.18 -1.70
N GLU A 204 20.10 -30.27 -2.33
CA GLU A 204 19.33 -31.51 -2.34
C GLU A 204 19.38 -32.19 -0.99
N VAL A 205 18.29 -32.87 -0.66
CA VAL A 205 18.19 -33.63 0.57
C VAL A 205 17.76 -35.03 0.16
N ARG A 206 18.71 -35.95 0.25
CA ARG A 206 18.48 -37.34 -0.13
C ARG A 206 18.11 -38.22 1.06
N LEU A 207 17.05 -39.01 0.89
CA LEU A 207 16.62 -39.93 1.93
C LEU A 207 16.60 -41.35 1.37
N GLU A 208 17.68 -42.08 1.61
CA GLU A 208 17.78 -43.46 1.13
C GLU A 208 17.62 -44.45 2.26
N GLU A 209 16.43 -45.06 2.34
CA GLU A 209 16.11 -46.03 3.38
C GLU A 209 16.44 -45.44 4.75
N VAL A 210 15.85 -44.28 5.02
CA VAL A 210 16.05 -43.59 6.28
C VAL A 210 14.97 -44.02 7.25
N PHE A 211 15.37 -44.53 8.41
CA PHE A 211 14.42 -44.95 9.42
C PHE A 211 14.08 -43.84 10.41
N VAL A 212 12.78 -43.65 10.61
CA VAL A 212 12.28 -42.65 11.54
C VAL A 212 11.34 -43.32 12.53
N PRO A 213 11.65 -43.23 13.83
CA PRO A 213 10.82 -43.84 14.87
C PRO A 213 9.42 -43.25 14.96
N GLU A 214 8.47 -44.06 15.39
CA GLU A 214 7.07 -43.66 15.53
C GLU A 214 6.90 -42.27 16.13
N GLU A 215 7.74 -41.97 17.13
CA GLU A 215 7.70 -40.68 17.83
C GLU A 215 8.01 -39.46 16.97
N ASN A 216 8.71 -39.66 15.86
CA ASN A 216 9.07 -38.56 14.99
C ASN A 216 8.07 -38.21 13.88
N LEU A 217 6.80 -38.58 14.08
CA LEU A 217 5.76 -38.24 13.12
C LEU A 217 5.06 -37.01 13.67
N LEU A 218 4.84 -36.00 12.83
CA LEU A 218 4.20 -34.78 13.31
C LEU A 218 2.73 -34.64 12.92
N GLY A 219 1.85 -34.76 13.91
CA GLY A 219 0.42 -34.66 13.67
C GLY A 219 -0.17 -35.96 13.17
N GLU A 220 -1.39 -35.88 12.62
CA GLU A 220 -2.04 -37.07 12.09
C GLU A 220 -1.49 -37.45 10.73
N GLU A 221 -1.22 -38.73 10.55
CA GLU A 221 -0.69 -39.26 9.31
C GLU A 221 -1.60 -38.86 8.15
N GLY A 222 -1.01 -38.43 7.04
CA GLY A 222 -1.79 -38.04 5.88
C GLY A 222 -2.46 -36.69 6.00
N ARG A 223 -2.04 -35.92 7.00
CA ARG A 223 -2.60 -34.60 7.25
C ARG A 223 -1.46 -33.57 7.16
N GLY A 224 -0.29 -34.07 6.76
CA GLY A 224 0.90 -33.23 6.66
C GLY A 224 0.82 -32.04 5.72
N LEU A 225 0.21 -32.22 4.55
CA LEU A 225 0.11 -31.14 3.59
C LEU A 225 -0.79 -30.02 4.11
N ALA A 226 -1.72 -30.36 4.98
CA ALA A 226 -2.63 -29.37 5.56
C ALA A 226 -1.87 -28.52 6.58
N TYR A 227 -1.02 -29.17 7.36
CA TYR A 227 -0.21 -28.50 8.37
C TYR A 227 0.70 -27.47 7.70
N ALA A 228 1.32 -27.89 6.61
CA ALA A 228 2.24 -27.02 5.86
C ALA A 228 1.58 -25.78 5.29
N LEU A 229 0.50 -25.96 4.52
CA LEU A 229 -0.20 -24.84 3.91
C LEU A 229 -0.76 -23.92 4.97
N ALA A 230 -0.71 -24.36 6.23
CA ALA A 230 -1.22 -23.59 7.34
C ALA A 230 -0.25 -22.48 7.73
N GLY A 231 1.05 -22.76 7.62
CA GLY A 231 2.05 -21.78 7.98
C GLY A 231 2.39 -20.91 6.79
N LEU A 232 1.87 -21.32 5.63
CA LEU A 232 2.10 -20.62 4.38
C LEU A 232 1.68 -19.14 4.37
N ASP A 233 0.54 -18.83 4.97
CA ASP A 233 0.06 -17.45 5.01
C ASP A 233 1.04 -16.58 5.79
N SER A 234 1.60 -17.14 6.86
CA SER A 234 2.55 -16.42 7.68
C SER A 234 3.88 -16.30 6.94
N GLY A 235 4.29 -17.40 6.30
CA GLY A 235 5.53 -17.38 5.56
C GLY A 235 5.54 -16.32 4.47
N ARG A 236 4.41 -16.18 3.78
CA ARG A 236 4.30 -15.20 2.72
C ARG A 236 4.39 -13.77 3.26
N VAL A 237 3.85 -13.57 4.46
CA VAL A 237 3.93 -12.24 5.07
C VAL A 237 5.40 -11.97 5.35
N GLY A 238 6.10 -12.99 5.84
CA GLY A 238 7.53 -12.85 6.13
C GLY A 238 8.39 -12.56 4.92
N VAL A 239 8.08 -13.21 3.80
CA VAL A 239 8.85 -12.99 2.57
C VAL A 239 8.53 -11.60 2.04
N ALA A 240 7.27 -11.19 2.17
CA ALA A 240 6.86 -9.87 1.71
C ALA A 240 7.70 -8.85 2.46
N ALA A 241 7.80 -9.03 3.78
CA ALA A 241 8.58 -8.15 4.61
C ALA A 241 10.04 -8.12 4.16
N GLN A 242 10.59 -9.28 3.81
CA GLN A 242 11.97 -9.35 3.36
C GLN A 242 12.11 -8.62 2.03
N ALA A 243 11.12 -8.76 1.16
CA ALA A 243 11.16 -8.08 -0.14
C ALA A 243 11.24 -6.58 0.11
N VAL A 244 10.47 -6.10 1.08
CA VAL A 244 10.48 -4.68 1.41
C VAL A 244 11.88 -4.30 1.86
N GLY A 245 12.49 -5.15 2.69
CA GLY A 245 13.83 -4.89 3.17
C GLY A 245 14.84 -4.78 2.05
N ILE A 246 14.78 -5.70 1.11
CA ILE A 246 15.69 -5.66 -0.05
C ILE A 246 15.51 -4.33 -0.79
N ALA A 247 14.26 -3.90 -0.97
CA ALA A 247 13.97 -2.64 -1.64
C ALA A 247 14.52 -1.46 -0.85
N ARG A 248 14.33 -1.48 0.47
CA ARG A 248 14.81 -0.40 1.32
C ARG A 248 16.33 -0.30 1.21
N GLY A 249 16.99 -1.45 1.32
CA GLY A 249 18.44 -1.48 1.22
C GLY A 249 18.91 -0.74 -0.01
N ALA A 250 18.45 -1.18 -1.18
CA ALA A 250 18.84 -0.54 -2.43
C ALA A 250 18.43 0.93 -2.47
N PHE A 251 17.19 1.22 -2.05
CA PHE A 251 16.70 2.60 -2.06
C PHE A 251 17.59 3.56 -1.28
N GLU A 252 18.04 3.15 -0.09
CA GLU A 252 18.88 4.02 0.73
C GLU A 252 20.18 4.37 0.07
N ILE A 253 20.86 3.38 -0.51
CA ILE A 253 22.11 3.60 -1.19
C ILE A 253 21.92 4.58 -2.36
N ALA A 254 20.87 4.39 -3.15
CA ALA A 254 20.60 5.25 -4.29
C ALA A 254 20.25 6.67 -3.86
N LYS A 255 19.40 6.80 -2.85
CA LYS A 255 19.01 8.12 -2.36
C LYS A 255 20.24 8.90 -1.92
N ALA A 256 21.10 8.26 -1.12
CA ALA A 256 22.31 8.92 -0.65
C ALA A 256 23.19 9.30 -1.84
N TYR A 257 23.42 8.35 -2.73
CA TYR A 257 24.25 8.57 -3.90
C TYR A 257 23.80 9.77 -4.71
N ALA A 258 22.48 9.90 -4.89
CA ALA A 258 21.91 11.01 -5.66
C ALA A 258 22.18 12.35 -4.98
N GLU A 259 22.57 12.28 -3.72
CA GLU A 259 22.88 13.47 -2.94
C GLU A 259 24.34 13.85 -3.08
N GLU A 260 25.23 12.84 -3.12
CA GLU A 260 26.66 13.07 -3.23
C GLU A 260 27.21 13.21 -4.65
N ARG A 261 26.84 12.29 -5.53
CA ARG A 261 27.30 12.31 -6.91
C ARG A 261 26.81 13.53 -7.68
N GLU A 262 27.66 14.02 -8.58
CA GLU A 262 27.31 15.15 -9.41
C GLU A 262 27.67 14.86 -10.85
N GLN A 263 26.89 15.41 -11.78
CA GLN A 263 27.15 15.23 -13.20
C GLN A 263 26.40 16.36 -13.91
N PHE A 264 27.10 17.04 -14.79
CA PHE A 264 26.54 18.18 -15.53
C PHE A 264 26.38 19.38 -14.61
N GLY A 265 27.24 19.47 -13.60
CA GLY A 265 27.21 20.59 -12.68
C GLY A 265 26.28 20.55 -11.48
N LYS A 266 25.46 19.52 -11.37
CA LYS A 266 24.53 19.42 -10.24
C LYS A 266 24.63 18.06 -9.59
N LYS A 267 23.99 17.94 -8.44
CA LYS A 267 23.92 16.66 -7.74
C LYS A 267 22.79 15.99 -8.53
N LEU A 268 22.86 14.67 -8.67
CA LEU A 268 21.85 13.93 -9.43
C LEU A 268 20.43 14.26 -9.01
N LYS A 269 20.21 14.38 -7.71
CA LYS A 269 18.87 14.66 -7.22
C LYS A 269 18.32 15.95 -7.82
N GLU A 270 19.21 16.81 -8.31
CA GLU A 270 18.79 18.06 -8.92
C GLU A 270 18.30 17.85 -10.34
N HIS A 271 18.49 16.65 -10.88
CA HIS A 271 17.98 16.34 -12.21
C HIS A 271 16.62 15.72 -11.97
N GLN A 272 15.58 16.35 -12.52
CA GLN A 272 14.21 15.89 -12.33
C GLN A 272 14.01 14.38 -12.49
N ALA A 273 14.47 13.81 -13.60
CA ALA A 273 14.33 12.39 -13.86
C ALA A 273 14.84 11.53 -12.70
N ILE A 274 15.97 11.94 -12.12
CA ILE A 274 16.53 11.20 -11.00
C ILE A 274 15.69 11.38 -9.76
N ALA A 275 15.31 12.63 -9.48
CA ALA A 275 14.49 12.94 -8.31
C ALA A 275 13.17 12.17 -8.39
N PHE A 276 12.62 12.04 -9.59
CA PHE A 276 11.36 11.32 -9.76
C PHE A 276 11.55 9.82 -9.53
N LYS A 277 12.71 9.27 -9.88
CA LYS A 277 12.95 7.85 -9.64
C LYS A 277 12.96 7.62 -8.14
N ILE A 278 13.65 8.47 -7.40
CA ILE A 278 13.73 8.35 -5.95
C ILE A 278 12.33 8.39 -5.34
N ALA A 279 11.51 9.33 -5.78
CA ALA A 279 10.16 9.44 -5.25
C ALA A 279 9.36 8.15 -5.53
N ASP A 280 9.43 7.67 -6.78
CA ASP A 280 8.74 6.45 -7.18
C ASP A 280 9.21 5.25 -6.38
N MET A 281 10.49 5.20 -6.03
CA MET A 281 10.98 4.09 -5.25
C MET A 281 10.33 4.16 -3.87
N HIS A 282 10.28 5.37 -3.31
CA HIS A 282 9.68 5.59 -2.01
C HIS A 282 8.22 5.15 -1.95
N VAL A 283 7.44 5.56 -2.96
CA VAL A 283 6.02 5.22 -2.99
C VAL A 283 5.74 3.72 -2.99
N LYS A 284 6.39 2.96 -3.87
CA LYS A 284 6.13 1.53 -3.90
C LYS A 284 6.63 0.83 -2.63
N ILE A 285 7.67 1.37 -2.02
CA ILE A 285 8.18 0.78 -0.79
C ILE A 285 7.16 1.02 0.33
N ALA A 286 6.59 2.22 0.37
CA ALA A 286 5.61 2.57 1.38
C ALA A 286 4.35 1.73 1.21
N ALA A 287 3.91 1.57 -0.04
CA ALA A 287 2.73 0.78 -0.33
C ALA A 287 2.99 -0.68 0.08
N ALA A 288 4.17 -1.18 -0.28
CA ALA A 288 4.53 -2.55 0.07
C ALA A 288 4.50 -2.74 1.58
N ARG A 289 5.16 -1.86 2.30
CA ARG A 289 5.20 -1.97 3.74
C ARG A 289 3.78 -1.94 4.34
N ALA A 290 2.98 -0.99 3.88
CA ALA A 290 1.62 -0.87 4.37
C ALA A 290 0.86 -2.19 4.16
N LEU A 291 0.97 -2.79 2.98
CA LEU A 291 0.28 -4.06 2.76
C LEU A 291 0.75 -5.12 3.74
N VAL A 292 2.07 -5.18 3.96
CA VAL A 292 2.67 -6.14 4.88
C VAL A 292 2.12 -6.00 6.30
N LEU A 293 2.10 -4.77 6.80
CA LEU A 293 1.62 -4.52 8.16
C LEU A 293 0.12 -4.77 8.30
N GLU A 294 -0.63 -4.56 7.22
CA GLU A 294 -2.07 -4.79 7.27
C GLU A 294 -2.34 -6.28 7.48
N ALA A 295 -1.55 -7.12 6.81
CA ALA A 295 -1.69 -8.56 6.92
C ALA A 295 -1.17 -9.01 8.28
N ALA A 296 -0.13 -8.36 8.76
CA ALA A 296 0.44 -8.70 10.06
C ALA A 296 -0.60 -8.53 11.17
N ARG A 297 -1.29 -7.39 11.17
CA ARG A 297 -2.30 -7.09 12.18
C ARG A 297 -3.48 -8.04 12.12
N LYS A 298 -3.95 -8.32 10.90
CA LYS A 298 -5.08 -9.22 10.73
C LYS A 298 -4.66 -10.56 11.35
N LYS A 299 -3.45 -10.99 11.03
CA LYS A 299 -2.91 -12.23 11.57
C LYS A 299 -3.00 -12.19 13.10
N ASP A 300 -2.54 -11.08 13.70
CA ASP A 300 -2.60 -10.97 15.15
C ASP A 300 -4.02 -10.93 15.71
N ARG A 301 -5.00 -10.57 14.88
CA ARG A 301 -6.38 -10.54 15.33
C ARG A 301 -7.02 -11.92 15.20
N GLY A 302 -6.21 -12.90 14.81
CA GLY A 302 -6.69 -14.26 14.64
C GLY A 302 -7.63 -14.49 13.47
N GLU A 303 -7.68 -13.55 12.52
CA GLU A 303 -8.58 -13.70 11.38
C GLU A 303 -7.90 -14.36 10.18
N ARG A 304 -8.71 -14.86 9.25
CA ARG A 304 -8.18 -15.47 8.05
C ARG A 304 -7.50 -14.36 7.26
N PHE A 305 -6.22 -14.51 6.96
CA PHE A 305 -5.49 -13.49 6.22
C PHE A 305 -4.77 -14.03 4.98
N THR A 306 -5.31 -15.10 4.41
CA THR A 306 -4.75 -15.73 3.22
C THR A 306 -4.69 -14.73 2.06
N LEU A 307 -5.74 -13.93 1.90
CA LEU A 307 -5.82 -12.93 0.84
C LEU A 307 -4.80 -11.83 1.04
N GLU A 308 -4.74 -11.27 2.24
CA GLU A 308 -3.81 -10.20 2.54
C GLU A 308 -2.36 -10.69 2.45
N ALA A 309 -2.11 -11.94 2.81
CA ALA A 309 -0.76 -12.50 2.74
C ALA A 309 -0.25 -12.56 1.30
N SER A 310 -1.04 -13.18 0.42
CA SER A 310 -0.66 -13.29 -1.00
C SER A 310 -0.53 -11.92 -1.67
N ALA A 311 -1.44 -11.02 -1.34
CA ALA A 311 -1.41 -9.68 -1.92
C ALA A 311 -0.12 -8.97 -1.51
N ALA A 312 0.23 -9.08 -0.24
CA ALA A 312 1.42 -8.43 0.26
C ALA A 312 2.68 -9.01 -0.39
N LYS A 313 2.75 -10.33 -0.48
CA LYS A 313 3.92 -10.98 -1.05
C LYS A 313 4.05 -10.69 -2.55
N LEU A 314 2.95 -10.76 -3.26
CA LEU A 314 2.95 -10.50 -4.69
C LEU A 314 3.43 -9.06 -4.95
N PHE A 315 2.86 -8.10 -4.23
CA PHE A 315 3.19 -6.70 -4.41
C PHE A 315 4.62 -6.33 -4.02
N ALA A 316 5.01 -6.68 -2.80
CA ALA A 316 6.36 -6.37 -2.33
C ALA A 316 7.41 -7.03 -3.22
N SER A 317 7.19 -8.28 -3.59
CA SER A 317 8.17 -8.96 -4.43
C SER A 317 8.39 -8.18 -5.73
N ALA A 318 7.31 -7.67 -6.32
CA ALA A 318 7.40 -6.90 -7.55
C ALA A 318 8.05 -5.53 -7.27
N ALA A 319 7.72 -4.93 -6.13
CA ALA A 319 8.31 -3.64 -5.79
C ALA A 319 9.84 -3.77 -5.65
N ALA A 320 10.30 -4.89 -5.08
CA ALA A 320 11.74 -5.11 -4.88
C ALA A 320 12.48 -5.13 -6.22
N VAL A 321 11.91 -5.83 -7.20
CA VAL A 321 12.53 -5.91 -8.53
C VAL A 321 12.52 -4.53 -9.21
N GLU A 322 11.39 -3.84 -9.11
CA GLU A 322 11.27 -2.52 -9.71
C GLU A 322 12.17 -1.48 -9.02
N VAL A 323 12.25 -1.57 -7.70
CA VAL A 323 13.06 -0.64 -6.95
C VAL A 323 14.53 -0.85 -7.21
N THR A 324 14.99 -2.09 -7.10
CA THR A 324 16.40 -2.40 -7.33
C THR A 324 16.84 -2.09 -8.76
N ARG A 325 15.95 -2.28 -9.72
CA ARG A 325 16.30 -1.99 -11.11
C ARG A 325 16.70 -0.52 -11.23
N GLU A 326 15.86 0.35 -10.65
CA GLU A 326 16.12 1.78 -10.69
C GLU A 326 17.27 2.18 -9.74
N ALA A 327 17.45 1.43 -8.65
CA ALA A 327 18.52 1.76 -7.70
C ALA A 327 19.86 1.60 -8.43
N VAL A 328 19.96 0.52 -9.20
CA VAL A 328 21.18 0.28 -9.97
C VAL A 328 21.33 1.42 -10.99
N GLN A 329 20.22 1.81 -11.62
CA GLN A 329 20.24 2.86 -12.62
C GLN A 329 20.75 4.21 -12.10
N VAL A 330 20.38 4.56 -10.86
CA VAL A 330 20.79 5.82 -10.26
C VAL A 330 22.30 5.99 -10.11
N LEU A 331 23.00 4.89 -9.81
CA LEU A 331 24.44 4.91 -9.64
C LEU A 331 25.22 4.75 -10.95
N GLY A 332 24.49 4.63 -12.05
CA GLY A 332 25.13 4.46 -13.36
C GLY A 332 26.01 3.22 -13.40
N GLY A 333 27.16 3.33 -14.07
CA GLY A 333 28.07 2.20 -14.16
C GLY A 333 28.41 1.59 -12.81
N TYR A 334 28.52 2.43 -11.78
CA TYR A 334 28.85 1.95 -10.43
C TYR A 334 27.71 1.11 -9.86
N GLY A 335 26.51 1.25 -10.41
CA GLY A 335 25.39 0.47 -9.93
C GLY A 335 25.59 -0.99 -10.32
N TYR A 336 26.41 -1.18 -11.36
CA TYR A 336 26.68 -2.53 -11.86
C TYR A 336 27.91 -3.13 -11.17
N HIS A 337 28.56 -2.33 -10.34
CA HIS A 337 29.77 -2.76 -9.63
C HIS A 337 29.48 -3.41 -8.29
N ARG A 338 30.21 -4.49 -8.00
CA ARG A 338 30.04 -5.24 -6.77
C ARG A 338 30.27 -4.39 -5.51
N ASP A 339 31.27 -3.52 -5.56
CA ASP A 339 31.59 -2.68 -4.42
C ASP A 339 30.47 -1.74 -3.99
N TYR A 340 29.53 -1.45 -4.87
CA TYR A 340 28.45 -0.54 -4.52
C TYR A 340 27.17 -1.17 -4.00
N ARG A 341 27.20 -2.48 -3.79
CA ARG A 341 26.09 -3.24 -3.24
C ARG A 341 24.70 -3.30 -3.92
N VAL A 342 24.27 -2.25 -4.62
CA VAL A 342 22.95 -2.32 -5.24
C VAL A 342 22.80 -3.50 -6.19
N GLU A 343 23.83 -3.83 -6.94
CA GLU A 343 23.77 -4.96 -7.86
C GLU A 343 23.36 -6.24 -7.13
N ARG A 344 23.86 -6.41 -5.90
CA ARG A 344 23.54 -7.59 -5.10
C ARG A 344 22.06 -7.59 -4.73
N TYR A 345 21.51 -6.43 -4.41
CA TYR A 345 20.09 -6.36 -4.08
C TYR A 345 19.24 -6.68 -5.31
N TYR A 346 19.73 -6.29 -6.48
CA TYR A 346 19.02 -6.54 -7.73
C TYR A 346 18.95 -8.04 -8.02
N ARG A 347 20.03 -8.75 -7.73
CA ARG A 347 20.05 -10.20 -7.98
C ARG A 347 19.16 -10.95 -6.99
N ASP A 348 19.17 -10.51 -5.73
CA ASP A 348 18.37 -11.16 -4.71
C ASP A 348 16.87 -10.90 -4.85
N ALA A 349 16.52 -9.70 -5.31
CA ALA A 349 15.13 -9.33 -5.44
C ALA A 349 14.30 -10.25 -6.34
N LYS A 350 14.85 -10.62 -7.49
CA LYS A 350 14.13 -11.47 -8.44
C LYS A 350 13.58 -12.76 -7.84
N VAL A 351 14.37 -13.44 -7.01
CA VAL A 351 13.90 -14.70 -6.44
C VAL A 351 12.68 -14.55 -5.52
N THR A 352 12.38 -13.33 -5.07
CA THR A 352 11.22 -13.17 -4.20
C THR A 352 9.92 -13.32 -4.97
N GLU A 353 10.02 -13.32 -6.30
CA GLU A 353 8.84 -13.49 -7.16
C GLU A 353 8.63 -14.99 -7.43
N ILE A 354 9.57 -15.81 -6.96
CA ILE A 354 9.54 -17.26 -7.18
C ILE A 354 9.24 -18.16 -5.96
N TYR A 355 10.09 -18.10 -4.93
CA TYR A 355 9.90 -18.95 -3.76
C TYR A 355 8.80 -18.49 -2.81
N GLU A 356 8.18 -19.46 -2.13
CA GLU A 356 7.11 -19.21 -1.18
C GLU A 356 5.83 -18.96 -1.97
N GLY A 357 5.76 -19.58 -3.15
CA GLY A 357 4.62 -19.39 -4.03
C GLY A 357 4.95 -18.34 -5.07
N THR A 358 5.12 -18.75 -6.33
CA THR A 358 5.43 -17.81 -7.41
C THR A 358 4.33 -16.75 -7.51
N SER A 359 4.63 -15.69 -8.24
CA SER A 359 3.67 -14.61 -8.44
C SER A 359 2.44 -15.14 -9.16
N GLU A 360 2.61 -16.11 -10.04
CA GLU A 360 1.47 -16.70 -10.76
C GLU A 360 0.58 -17.41 -9.74
N ILE A 361 1.21 -18.14 -8.82
CA ILE A 361 0.47 -18.85 -7.79
C ILE A 361 -0.27 -17.89 -6.87
N GLN A 362 0.40 -16.81 -6.45
CA GLN A 362 -0.21 -15.81 -5.57
C GLN A 362 -1.50 -15.28 -6.20
N ARG A 363 -1.47 -15.02 -7.50
CA ARG A 363 -2.66 -14.52 -8.19
C ARG A 363 -3.80 -15.56 -8.19
N LEU A 364 -3.48 -16.85 -8.27
CA LEU A 364 -4.52 -17.87 -8.23
C LEU A 364 -5.16 -17.81 -6.84
N VAL A 365 -4.32 -17.77 -5.81
CA VAL A 365 -4.79 -17.71 -4.43
C VAL A 365 -5.67 -16.48 -4.22
N ILE A 366 -5.17 -15.32 -4.65
CA ILE A 366 -5.94 -14.08 -4.50
C ILE A 366 -7.29 -14.19 -5.21
N ALA A 367 -7.28 -14.68 -6.44
CA ALA A 367 -8.49 -14.85 -7.23
C ALA A 367 -9.45 -15.84 -6.57
N ARG A 368 -8.91 -16.97 -6.13
CA ARG A 368 -9.72 -17.99 -5.46
C ARG A 368 -10.34 -17.39 -4.21
N GLU A 369 -9.52 -16.66 -3.47
CA GLU A 369 -9.94 -16.01 -2.23
C GLU A 369 -11.02 -14.94 -2.46
N LEU A 370 -10.92 -14.21 -3.57
CA LEU A 370 -11.89 -13.17 -3.91
C LEU A 370 -13.25 -13.72 -4.27
N TYR A 371 -13.30 -15.01 -4.61
CA TYR A 371 -14.56 -15.62 -4.99
C TYR A 371 -15.00 -16.70 -4.00
N ARG A 372 -14.23 -16.88 -2.94
CA ARG A 372 -14.54 -17.90 -1.94
C ARG A 372 -16.00 -17.77 -1.50
N LEU B 3 -12.19 -1.38 12.14
CA LEU B 3 -13.05 -0.20 12.42
C LEU B 3 -13.91 -0.37 13.68
N THR B 4 -14.06 0.72 14.44
CA THR B 4 -14.85 0.70 15.65
C THR B 4 -16.33 0.69 15.27
N GLN B 5 -17.20 0.32 16.20
CA GLN B 5 -18.64 0.31 15.93
C GLN B 5 -19.06 1.68 15.39
N GLU B 6 -18.63 2.73 16.09
CA GLU B 6 -18.98 4.08 15.69
C GLU B 6 -18.61 4.43 14.26
N GLN B 7 -17.38 4.11 13.87
CA GLN B 7 -16.93 4.40 12.52
C GLN B 7 -17.76 3.63 11.51
N ARG B 8 -18.17 2.42 11.87
CA ARG B 8 -18.97 1.62 10.96
C ARG B 8 -20.43 2.08 10.91
N LEU B 9 -20.87 2.77 11.94
CA LEU B 9 -22.24 3.27 11.97
C LEU B 9 -22.32 4.41 10.96
N VAL B 10 -21.31 5.28 10.97
CA VAL B 10 -21.24 6.41 10.06
C VAL B 10 -21.22 5.91 8.62
N LEU B 11 -20.31 4.98 8.34
CA LEU B 11 -20.17 4.45 7.00
C LEU B 11 -21.43 3.71 6.57
N ASP B 12 -22.23 3.29 7.55
CA ASP B 12 -23.49 2.60 7.23
C ASP B 12 -24.42 3.62 6.60
N ALA B 13 -24.40 4.83 7.15
CA ALA B 13 -25.24 5.91 6.65
C ALA B 13 -24.74 6.36 5.28
N VAL B 14 -23.43 6.58 5.16
CA VAL B 14 -22.84 7.01 3.90
C VAL B 14 -23.16 6.01 2.79
N ARG B 15 -23.03 4.73 3.12
CA ARG B 15 -23.29 3.66 2.19
C ARG B 15 -24.73 3.71 1.70
N ARG B 16 -25.66 3.93 2.62
CA ARG B 16 -27.07 4.00 2.30
C ARG B 16 -27.41 5.15 1.34
N VAL B 17 -26.96 6.35 1.66
CA VAL B 17 -27.23 7.48 0.79
C VAL B 17 -26.54 7.32 -0.55
N ALA B 18 -25.33 6.76 -0.54
CA ALA B 18 -24.58 6.55 -1.77
C ALA B 18 -25.30 5.59 -2.70
N ARG B 19 -25.76 4.46 -2.17
CA ARG B 19 -26.44 3.44 -2.96
C ARG B 19 -27.88 3.81 -3.34
N GLU B 20 -28.58 4.51 -2.46
CA GLU B 20 -29.97 4.87 -2.71
C GLU B 20 -30.21 6.15 -3.49
N VAL B 21 -29.31 7.12 -3.34
CA VAL B 21 -29.45 8.38 -4.03
C VAL B 21 -28.42 8.58 -5.15
N LEU B 22 -27.15 8.57 -4.79
CA LEU B 22 -26.09 8.76 -5.78
C LEU B 22 -26.05 7.77 -6.94
N TYR B 23 -26.01 6.49 -6.62
CA TYR B 23 -25.91 5.47 -7.67
C TYR B 23 -27.02 5.42 -8.72
N PRO B 24 -28.29 5.50 -8.30
CA PRO B 24 -29.38 5.46 -9.29
C PRO B 24 -29.48 6.70 -10.17
N LEU B 25 -29.04 7.84 -9.65
CA LEU B 25 -29.08 9.10 -10.40
C LEU B 25 -27.83 9.37 -11.23
N ALA B 26 -26.74 8.68 -10.90
CA ALA B 26 -25.47 8.90 -11.59
C ALA B 26 -25.54 8.95 -13.12
N PRO B 27 -26.04 7.88 -13.77
CA PRO B 27 -26.11 7.88 -15.23
C PRO B 27 -26.81 9.07 -15.89
N GLU B 28 -28.01 9.42 -15.43
CA GLU B 28 -28.73 10.54 -16.01
C GLU B 28 -27.96 11.84 -15.82
N TYR B 29 -27.45 12.08 -14.62
CA TYR B 29 -26.71 13.31 -14.36
C TYR B 29 -25.38 13.39 -15.12
N ASP B 30 -24.84 12.25 -15.49
CA ASP B 30 -23.59 12.22 -16.23
C ASP B 30 -23.84 12.52 -17.71
N ARG B 31 -24.84 11.89 -18.31
CA ARG B 31 -25.12 12.12 -19.73
C ARG B 31 -25.72 13.51 -19.96
N LYS B 32 -26.33 14.08 -18.95
CA LYS B 32 -26.91 15.42 -19.11
C LYS B 32 -25.97 16.48 -18.57
N ALA B 33 -24.85 16.05 -17.98
CA ALA B 33 -23.88 16.98 -17.41
C ALA B 33 -24.67 17.99 -16.57
N GLU B 34 -25.50 17.45 -15.68
CA GLU B 34 -26.37 18.24 -14.82
C GLU B 34 -25.79 18.39 -13.40
N TYR B 35 -25.76 19.61 -12.87
CA TYR B 35 -25.23 19.82 -11.53
C TYR B 35 -26.10 18.96 -10.60
N PRO B 36 -25.47 18.18 -9.70
CA PRO B 36 -26.16 17.28 -8.76
C PRO B 36 -26.81 17.88 -7.50
N TRP B 37 -27.83 18.71 -7.67
CA TRP B 37 -28.50 19.30 -6.52
C TRP B 37 -29.25 18.28 -5.63
N PRO B 38 -29.99 17.33 -6.23
CA PRO B 38 -30.69 16.37 -5.38
C PRO B 38 -29.73 15.58 -4.48
N GLN B 39 -28.61 15.13 -5.07
CA GLN B 39 -27.62 14.36 -4.34
C GLN B 39 -26.99 15.15 -3.20
N LEU B 40 -26.61 16.39 -3.48
CA LEU B 40 -25.98 17.23 -2.47
C LEU B 40 -26.93 17.49 -1.31
N LYS B 41 -28.18 17.81 -1.65
CA LYS B 41 -29.17 18.06 -0.62
C LYS B 41 -29.37 16.82 0.22
N ALA B 42 -29.40 15.66 -0.43
CA ALA B 42 -29.57 14.40 0.28
C ALA B 42 -28.42 14.23 1.26
N LEU B 43 -27.23 14.62 0.84
CA LEU B 43 -26.04 14.50 1.68
C LEU B 43 -25.99 15.56 2.78
N ALA B 44 -26.41 16.78 2.47
CA ALA B 44 -26.40 17.86 3.45
C ALA B 44 -27.28 17.49 4.65
N GLU B 45 -28.47 16.96 4.37
CA GLU B 45 -29.42 16.55 5.39
C GLU B 45 -28.79 15.57 6.38
N LEU B 46 -27.80 14.81 5.93
CA LEU B 46 -27.09 13.85 6.76
C LEU B 46 -25.84 14.48 7.35
N GLY B 47 -25.64 15.76 7.05
CA GLY B 47 -24.48 16.48 7.55
C GLY B 47 -23.19 16.06 6.89
N LEU B 48 -23.30 15.30 5.79
CA LEU B 48 -22.12 14.83 5.10
C LEU B 48 -21.33 15.86 4.30
N LEU B 49 -21.85 17.09 4.18
CA LEU B 49 -21.09 18.12 3.48
C LEU B 49 -20.28 18.89 4.51
N GLY B 50 -20.20 18.33 5.72
CA GLY B 50 -19.45 18.97 6.78
C GLY B 50 -18.67 17.95 7.60
N MET B 51 -18.17 16.91 6.94
CA MET B 51 -17.41 15.85 7.62
C MET B 51 -16.09 16.33 8.20
N THR B 52 -15.52 17.36 7.61
CA THR B 52 -14.23 17.87 8.06
C THR B 52 -14.33 19.02 9.07
N THR B 53 -15.54 19.29 9.55
CA THR B 53 -15.76 20.39 10.49
C THR B 53 -16.39 19.91 11.79
N PRO B 54 -15.88 20.43 12.94
CA PRO B 54 -16.37 20.10 14.28
C PRO B 54 -17.88 20.35 14.44
N GLU B 55 -18.51 19.55 15.28
CA GLU B 55 -19.95 19.68 15.51
C GLU B 55 -20.35 21.08 15.98
N GLU B 56 -19.44 21.76 16.68
CA GLU B 56 -19.71 23.10 17.17
C GLU B 56 -19.59 24.18 16.11
N TRP B 57 -19.55 23.78 14.84
CA TRP B 57 -19.46 24.73 13.74
C TRP B 57 -20.38 24.30 12.61
N GLY B 58 -21.33 23.43 12.94
CA GLY B 58 -22.27 22.96 11.95
C GLY B 58 -21.90 21.64 11.29
N GLY B 59 -20.67 21.17 11.54
CA GLY B 59 -20.23 19.92 10.94
C GLY B 59 -20.52 18.69 11.78
N VAL B 60 -20.00 17.55 11.36
CA VAL B 60 -20.20 16.30 12.10
C VAL B 60 -18.86 15.81 12.65
N GLY B 61 -17.82 16.60 12.41
CA GLY B 61 -16.48 16.30 12.89
C GLY B 61 -16.07 14.84 12.95
N LEU B 62 -15.90 14.20 11.79
CA LEU B 62 -15.48 12.80 11.74
C LEU B 62 -13.97 12.73 11.89
N ASP B 63 -13.43 11.54 12.10
CA ASP B 63 -11.99 11.41 12.17
C ASP B 63 -11.53 11.16 10.72
N SER B 64 -10.26 11.45 10.43
CA SER B 64 -9.76 11.30 9.07
C SER B 64 -9.97 9.93 8.40
N VAL B 65 -9.87 8.84 9.16
CA VAL B 65 -10.06 7.51 8.59
C VAL B 65 -11.48 7.32 8.08
N THR B 66 -12.46 7.69 8.90
CA THR B 66 -13.86 7.56 8.53
C THR B 66 -14.14 8.52 7.38
N TRP B 67 -13.58 9.72 7.46
CA TRP B 67 -13.74 10.71 6.42
C TRP B 67 -13.24 10.16 5.07
N ALA B 68 -12.04 9.57 5.08
CA ALA B 68 -11.46 9.02 3.87
C ALA B 68 -12.32 7.91 3.28
N LEU B 69 -12.79 7.00 4.12
CA LEU B 69 -13.62 5.90 3.66
C LEU B 69 -14.96 6.41 3.14
N ALA B 70 -15.46 7.50 3.71
CA ALA B 70 -16.73 8.05 3.25
C ALA B 70 -16.54 8.59 1.83
N LEU B 71 -15.49 9.37 1.63
CA LEU B 71 -15.22 9.91 0.30
C LEU B 71 -15.08 8.77 -0.72
N GLU B 72 -14.46 7.66 -0.32
CA GLU B 72 -14.31 6.52 -1.21
C GLU B 72 -15.69 5.96 -1.57
N GLU B 73 -16.55 5.86 -0.57
CA GLU B 73 -17.89 5.32 -0.78
C GLU B 73 -18.70 6.22 -1.71
N LEU B 74 -18.58 7.53 -1.51
CA LEU B 74 -19.30 8.49 -2.35
C LEU B 74 -18.76 8.46 -3.79
N ALA B 75 -17.45 8.37 -3.93
CA ALA B 75 -16.82 8.34 -5.25
C ALA B 75 -17.19 7.06 -6.01
N ALA B 76 -17.33 5.96 -5.27
CA ALA B 76 -17.67 4.69 -5.88
C ALA B 76 -19.08 4.75 -6.50
N ALA B 77 -19.90 5.67 -5.98
CA ALA B 77 -21.26 5.83 -6.48
C ALA B 77 -21.33 6.92 -7.55
N ASP B 78 -20.70 8.06 -7.30
CA ASP B 78 -20.70 9.16 -8.26
C ASP B 78 -19.50 10.08 -8.02
N PRO B 79 -18.42 9.88 -8.78
CA PRO B 79 -17.21 10.69 -8.66
C PRO B 79 -17.48 12.18 -8.72
N SER B 80 -18.44 12.58 -9.56
CA SER B 80 -18.79 13.99 -9.71
C SER B 80 -19.31 14.56 -8.38
N VAL B 81 -20.24 13.86 -7.76
CA VAL B 81 -20.80 14.31 -6.50
C VAL B 81 -19.73 14.34 -5.42
N ALA B 82 -18.82 13.36 -5.45
CA ALA B 82 -17.75 13.27 -4.47
C ALA B 82 -16.74 14.40 -4.59
N VAL B 83 -16.39 14.79 -5.80
CA VAL B 83 -15.42 15.86 -5.93
C VAL B 83 -16.02 17.15 -5.38
N ILE B 84 -17.27 17.44 -5.72
CA ILE B 84 -17.94 18.65 -5.21
C ILE B 84 -17.94 18.64 -3.68
N VAL B 85 -18.25 17.50 -3.10
CA VAL B 85 -18.24 17.37 -1.64
C VAL B 85 -16.86 17.71 -1.09
N SER B 86 -15.84 17.06 -1.63
CA SER B 86 -14.46 17.26 -1.18
C SER B 86 -13.98 18.70 -1.33
N VAL B 87 -14.61 19.44 -2.24
CA VAL B 87 -14.22 20.82 -2.44
C VAL B 87 -14.98 21.75 -1.49
N THR B 88 -16.30 21.60 -1.42
CA THR B 88 -17.08 22.44 -0.53
C THR B 88 -16.69 22.26 0.94
N SER B 89 -16.31 21.04 1.31
CA SER B 89 -15.89 20.81 2.69
C SER B 89 -14.38 20.73 2.74
N GLY B 90 -13.75 21.14 1.64
CA GLY B 90 -12.30 21.15 1.53
C GLY B 90 -11.69 22.47 1.98
N LEU B 91 -10.83 23.07 1.16
CA LEU B 91 -10.20 24.33 1.50
C LEU B 91 -11.13 25.38 2.08
N PRO B 92 -12.31 25.59 1.47
CA PRO B 92 -13.23 26.60 2.01
C PRO B 92 -13.49 26.41 3.50
N GLN B 93 -13.86 25.20 3.90
CA GLN B 93 -14.14 24.93 5.32
C GLN B 93 -12.87 24.72 6.15
N TYR B 94 -11.76 24.38 5.49
CA TYR B 94 -10.49 24.17 6.18
C TYR B 94 -9.90 25.50 6.58
N MET B 95 -9.92 26.44 5.64
CA MET B 95 -9.36 27.76 5.86
C MET B 95 -10.18 28.60 6.85
N LEU B 96 -11.50 28.56 6.72
CA LEU B 96 -12.37 29.31 7.62
C LEU B 96 -12.16 28.83 9.05
N LEU B 97 -12.13 27.52 9.24
CA LEU B 97 -11.96 26.92 10.55
C LEU B 97 -10.64 27.31 11.22
N ARG B 98 -9.53 27.08 10.54
CA ARG B 98 -8.21 27.37 11.11
C ARG B 98 -7.71 28.80 11.04
N PHE B 99 -8.19 29.60 10.09
CA PHE B 99 -7.72 30.96 9.95
C PHE B 99 -8.78 32.06 10.00
N GLY B 100 -10.05 31.68 10.00
CA GLY B 100 -11.11 32.68 10.04
C GLY B 100 -11.42 33.20 11.43
N SER B 101 -12.13 34.33 11.49
CA SER B 101 -12.51 34.93 12.75
C SER B 101 -13.77 34.28 13.29
N GLU B 102 -14.10 34.57 14.55
CA GLU B 102 -15.28 34.01 15.18
C GLU B 102 -16.54 34.42 14.41
N ALA B 103 -16.55 35.64 13.90
CA ALA B 103 -17.69 36.15 13.14
C ALA B 103 -17.79 35.51 11.76
N GLN B 104 -16.63 35.26 11.15
CA GLN B 104 -16.60 34.63 9.84
C GLN B 104 -17.03 33.19 9.98
N LYS B 105 -16.50 32.52 11.00
CA LYS B 105 -16.84 31.13 11.24
C LYS B 105 -18.31 30.99 11.54
N ARG B 106 -18.88 32.02 12.17
CA ARG B 106 -20.29 31.99 12.52
C ARG B 106 -21.20 32.15 11.31
N ARG B 107 -20.87 33.07 10.40
CA ARG B 107 -21.73 33.27 9.25
C ARG B 107 -21.36 32.56 7.95
N TYR B 108 -20.16 32.00 7.88
CA TYR B 108 -19.74 31.30 6.67
C TYR B 108 -19.50 29.81 6.88
N LEU B 109 -18.69 29.47 7.87
CA LEU B 109 -18.38 28.07 8.15
C LEU B 109 -19.65 27.25 8.41
N VAL B 110 -20.47 27.71 9.35
CA VAL B 110 -21.70 27.02 9.71
C VAL B 110 -22.60 26.64 8.53
N PRO B 111 -22.97 27.60 7.66
CA PRO B 111 -23.82 27.23 6.54
C PRO B 111 -23.14 26.28 5.54
N LEU B 112 -21.82 26.31 5.51
CA LEU B 112 -21.07 25.40 4.63
C LEU B 112 -21.12 24.00 5.23
N ALA B 113 -20.67 23.88 6.47
CA ALA B 113 -20.65 22.61 7.15
C ALA B 113 -22.03 21.94 7.18
N ARG B 114 -23.08 22.74 7.35
CA ARG B 114 -24.43 22.20 7.38
C ARG B 114 -24.94 21.92 5.98
N GLY B 115 -24.21 22.39 4.98
CA GLY B 115 -24.59 22.16 3.61
C GLY B 115 -25.70 23.07 3.12
N GLU B 116 -25.88 24.20 3.78
CA GLU B 116 -26.90 25.15 3.35
C GLU B 116 -26.34 25.86 2.14
N TRP B 117 -25.02 26.01 2.13
CA TRP B 117 -24.30 26.67 1.03
C TRP B 117 -23.26 25.73 0.43
N ILE B 118 -22.94 25.94 -0.84
CA ILE B 118 -21.92 25.16 -1.52
C ILE B 118 -20.77 26.17 -1.64
N GLY B 119 -19.57 25.78 -1.22
CA GLY B 119 -18.44 26.69 -1.31
C GLY B 119 -17.52 26.32 -2.46
N ALA B 120 -16.61 27.23 -2.81
CA ALA B 120 -15.67 26.97 -3.89
C ALA B 120 -14.33 27.63 -3.61
N PHE B 121 -13.26 27.06 -4.17
CA PHE B 121 -11.92 27.60 -3.98
C PHE B 121 -11.44 28.08 -5.34
N CYS B 122 -10.88 29.29 -5.39
CA CYS B 122 -10.41 29.86 -6.64
C CYS B 122 -8.94 30.25 -6.61
N LEU B 123 -8.09 29.40 -7.18
CA LEU B 123 -6.66 29.67 -7.21
C LEU B 123 -6.14 29.72 -8.63
N THR B 124 -6.35 28.62 -9.34
CA THR B 124 -5.93 28.46 -10.72
C THR B 124 -6.30 29.63 -11.62
N GLU B 125 -5.38 29.95 -12.55
CA GLU B 125 -5.56 31.03 -13.51
C GLU B 125 -5.13 30.49 -14.89
N PRO B 126 -5.71 31.02 -15.98
CA PRO B 126 -5.40 30.58 -17.35
C PRO B 126 -3.91 30.38 -17.62
N GLN B 127 -3.07 31.21 -17.00
CA GLN B 127 -1.65 31.12 -17.21
C GLN B 127 -0.89 30.51 -16.03
N ALA B 128 -1.56 30.35 -14.91
CA ALA B 128 -0.90 29.78 -13.74
C ALA B 128 -1.72 28.65 -13.11
N GLY B 129 -1.13 27.45 -13.08
CA GLY B 129 -1.80 26.31 -12.50
C GLY B 129 -0.94 25.70 -11.41
N SER B 130 0.02 24.88 -11.82
CA SER B 130 0.92 24.24 -10.87
C SER B 130 1.72 25.31 -10.16
N ASP B 131 1.92 26.44 -10.84
CA ASP B 131 2.68 27.53 -10.27
C ASP B 131 1.73 28.58 -9.67
N ALA B 132 1.04 28.22 -8.61
CA ALA B 132 0.10 29.12 -7.94
C ALA B 132 0.85 30.31 -7.37
N LYS B 133 2.02 30.01 -6.83
CA LYS B 133 2.91 31.00 -6.23
C LYS B 133 3.19 32.17 -7.17
N SER B 134 2.60 32.15 -8.36
CA SER B 134 2.81 33.23 -9.31
C SER B 134 1.53 33.67 -10.03
N LEU B 135 0.41 33.62 -9.31
CA LEU B 135 -0.88 34.03 -9.85
C LEU B 135 -0.86 35.56 -10.09
N ARG B 136 -1.75 36.06 -10.95
CA ARG B 136 -1.77 37.48 -11.24
C ARG B 136 -3.07 38.23 -10.95
N ALA B 137 -3.94 37.63 -10.14
CA ALA B 137 -5.20 38.25 -9.76
C ALA B 137 -4.84 39.37 -8.79
N GLU B 138 -5.38 40.57 -9.01
CA GLU B 138 -5.07 41.72 -8.18
C GLU B 138 -6.11 42.09 -7.13
N ALA B 139 -5.63 42.73 -6.06
CA ALA B 139 -6.46 43.18 -4.95
C ALA B 139 -5.84 44.46 -4.36
N ARG B 140 -6.43 45.62 -4.66
CA ARG B 140 -5.93 46.88 -4.15
C ARG B 140 -6.75 47.42 -2.98
N ARG B 141 -6.07 48.02 -2.01
CA ARG B 141 -6.74 48.58 -0.84
C ARG B 141 -7.57 49.80 -1.19
N VAL B 142 -8.88 49.68 -1.05
CA VAL B 142 -9.79 50.79 -1.31
C VAL B 142 -10.35 51.09 0.07
N LYS B 143 -10.58 52.37 0.36
CA LYS B 143 -11.11 52.76 1.66
C LYS B 143 -12.41 51.99 1.90
N GLY B 144 -12.37 51.06 2.84
CA GLY B 144 -13.55 50.26 3.15
C GLY B 144 -13.31 48.77 3.01
N GLY B 145 -12.36 48.42 2.14
CA GLY B 145 -12.05 47.02 1.92
C GLY B 145 -11.01 46.81 0.83
N PHE B 146 -11.42 46.20 -0.27
CA PHE B 146 -10.53 45.93 -1.40
C PHE B 146 -11.33 45.87 -2.69
N VAL B 147 -10.64 46.00 -3.82
CA VAL B 147 -11.29 45.90 -5.12
C VAL B 147 -10.51 44.83 -5.90
N LEU B 148 -11.20 43.73 -6.21
CA LEU B 148 -10.57 42.62 -6.92
C LEU B 148 -10.78 42.61 -8.42
N ASN B 149 -9.72 42.22 -9.13
CA ASN B 149 -9.76 42.13 -10.60
C ASN B 149 -8.93 40.94 -11.04
N GLY B 150 -9.53 40.07 -11.84
CA GLY B 150 -8.82 38.90 -12.32
C GLY B 150 -9.71 37.84 -12.93
N VAL B 151 -9.11 36.71 -13.25
CA VAL B 151 -9.85 35.60 -13.83
C VAL B 151 -9.34 34.29 -13.26
N LYS B 152 -10.23 33.53 -12.65
CA LYS B 152 -9.89 32.23 -12.08
C LYS B 152 -10.49 31.17 -12.99
N SER B 153 -9.74 30.11 -13.22
CA SER B 153 -10.22 29.04 -14.11
C SER B 153 -10.34 27.68 -13.45
N TRP B 154 -11.13 26.81 -14.08
CA TRP B 154 -11.33 25.44 -13.60
C TRP B 154 -11.97 25.37 -12.21
N ILE B 155 -12.76 26.37 -11.85
CA ILE B 155 -13.39 26.43 -10.55
C ILE B 155 -14.56 25.45 -10.40
N THR B 156 -14.39 24.47 -9.52
CA THR B 156 -15.43 23.48 -9.26
C THR B 156 -16.60 24.18 -8.58
N SER B 157 -17.80 23.96 -9.11
CA SER B 157 -19.03 24.55 -8.58
C SER B 157 -19.21 26.02 -8.93
N ALA B 158 -18.34 26.56 -9.78
CA ALA B 158 -18.46 27.97 -10.18
C ALA B 158 -19.89 28.24 -10.64
N GLY B 159 -20.44 29.38 -10.21
CA GLY B 159 -21.79 29.74 -10.60
C GLY B 159 -22.85 29.06 -9.76
N HIS B 160 -22.47 28.05 -8.99
CA HIS B 160 -23.42 27.34 -8.16
C HIS B 160 -23.16 27.61 -6.68
N ALA B 161 -21.89 27.82 -6.36
CA ALA B 161 -21.46 28.07 -4.98
C ALA B 161 -21.89 29.44 -4.49
N HIS B 162 -22.29 29.52 -3.23
CA HIS B 162 -22.72 30.79 -2.64
C HIS B 162 -21.50 31.56 -2.17
N LEU B 163 -20.51 30.84 -1.66
CA LEU B 163 -19.29 31.45 -1.16
C LEU B 163 -18.06 31.01 -1.95
N TYR B 164 -17.23 31.97 -2.34
CA TYR B 164 -16.03 31.71 -3.11
C TYR B 164 -14.79 32.21 -2.37
N VAL B 165 -13.83 31.33 -2.13
CA VAL B 165 -12.59 31.76 -1.50
C VAL B 165 -11.65 32.10 -2.65
N VAL B 166 -11.52 33.39 -2.93
CA VAL B 166 -10.67 33.86 -4.03
C VAL B 166 -9.28 34.28 -3.56
N MET B 167 -8.25 33.76 -4.26
CA MET B 167 -6.87 34.07 -3.93
C MET B 167 -6.39 35.17 -4.87
N ALA B 168 -6.06 36.33 -4.30
CA ALA B 168 -5.58 37.45 -5.10
C ALA B 168 -4.32 38.06 -4.49
N ARG B 169 -3.65 38.89 -5.27
CA ARG B 169 -2.42 39.54 -4.83
C ARG B 169 -2.65 40.98 -4.39
N THR B 170 -1.98 41.38 -3.31
CA THR B 170 -2.07 42.74 -2.78
C THR B 170 -0.64 43.25 -2.64
N GLU B 171 -0.48 44.46 -2.11
CA GLU B 171 0.84 45.03 -1.93
C GLU B 171 1.70 44.13 -1.05
N LYS B 172 1.08 43.53 -0.03
CA LYS B 172 1.80 42.66 0.88
C LYS B 172 1.98 41.23 0.38
N GLY B 173 1.25 40.87 -0.67
CA GLY B 173 1.38 39.53 -1.20
C GLY B 173 0.06 38.82 -1.48
N ILE B 174 0.15 37.50 -1.71
CA ILE B 174 -1.03 36.70 -2.00
C ILE B 174 -1.90 36.54 -0.76
N SER B 175 -3.18 36.86 -0.89
CA SER B 175 -4.11 36.77 0.22
C SER B 175 -5.39 36.05 -0.17
N ALA B 176 -6.18 35.66 0.83
CA ALA B 176 -7.43 34.96 0.62
C ALA B 176 -8.63 35.87 0.92
N PHE B 177 -9.61 35.87 0.02
CA PHE B 177 -10.80 36.68 0.18
C PHE B 177 -12.07 35.85 0.13
N LEU B 178 -13.12 36.34 0.80
CA LEU B 178 -14.40 35.65 0.81
C LEU B 178 -15.41 36.44 0.01
N VAL B 179 -15.76 35.93 -1.17
CA VAL B 179 -16.71 36.60 -2.05
C VAL B 179 -17.99 35.81 -2.20
N GLU B 180 -19.12 36.43 -1.86
CA GLU B 180 -20.42 35.76 -1.96
C GLU B 180 -21.01 35.95 -3.35
N LYS B 181 -21.97 35.09 -3.70
CA LYS B 181 -22.61 35.19 -5.01
C LYS B 181 -23.45 36.46 -5.01
N GLY B 182 -23.81 36.95 -6.19
CA GLY B 182 -24.60 38.15 -6.27
C GLY B 182 -23.74 39.42 -6.27
N THR B 183 -22.64 39.39 -5.53
CA THR B 183 -21.74 40.54 -5.45
C THR B 183 -21.49 41.20 -6.79
N PRO B 184 -21.63 42.54 -6.86
CA PRO B 184 -21.43 43.31 -8.09
C PRO B 184 -20.03 43.12 -8.69
N GLY B 185 -19.98 42.77 -9.97
CA GLY B 185 -18.69 42.57 -10.63
C GLY B 185 -18.33 41.10 -10.82
N LEU B 186 -18.72 40.27 -9.85
CA LEU B 186 -18.44 38.84 -9.91
C LEU B 186 -19.22 38.22 -11.06
N SER B 187 -18.52 37.47 -11.91
CA SER B 187 -19.13 36.84 -13.07
C SER B 187 -18.71 35.37 -13.23
N PHE B 188 -19.44 34.62 -14.04
CA PHE B 188 -19.12 33.21 -14.27
C PHE B 188 -19.20 32.83 -15.74
N GLY B 189 -18.17 32.14 -16.22
CA GLY B 189 -18.17 31.70 -17.61
C GLY B 189 -19.04 30.47 -17.73
N ARG B 190 -19.21 29.95 -18.94
CA ARG B 190 -20.03 28.75 -19.12
C ARG B 190 -19.23 27.53 -18.72
N PRO B 191 -19.87 26.55 -18.07
CA PRO B 191 -19.16 25.34 -17.65
C PRO B 191 -18.38 24.70 -18.80
N GLU B 192 -17.15 24.27 -18.51
CA GLU B 192 -16.28 23.64 -19.48
C GLU B 192 -16.74 22.22 -19.84
N GLU B 193 -16.73 21.88 -21.12
CA GLU B 193 -17.10 20.54 -21.54
C GLU B 193 -15.83 19.71 -21.36
N LYS B 194 -15.91 18.59 -20.64
CA LYS B 194 -14.71 17.78 -20.44
C LYS B 194 -14.90 16.28 -20.61
N MET B 195 -13.80 15.55 -20.50
CA MET B 195 -13.81 14.09 -20.66
C MET B 195 -14.74 13.40 -19.67
N GLY B 196 -14.65 13.78 -18.40
CA GLY B 196 -15.48 13.19 -17.37
C GLY B 196 -15.97 14.15 -16.29
N LEU B 197 -16.37 13.61 -15.14
CA LEU B 197 -16.89 14.42 -14.04
C LEU B 197 -17.91 15.40 -14.64
N HIS B 198 -18.68 14.92 -15.61
CA HIS B 198 -19.67 15.74 -16.30
C HIS B 198 -20.59 16.55 -15.39
N ALA B 199 -21.06 15.94 -14.30
CA ALA B 199 -21.96 16.62 -13.37
C ALA B 199 -21.26 17.64 -12.49
N ALA B 200 -19.94 17.49 -12.33
CA ALA B 200 -19.19 18.42 -11.52
C ALA B 200 -18.78 19.64 -12.36
N HIS B 201 -19.67 20.62 -12.42
CA HIS B 201 -19.43 21.83 -13.21
C HIS B 201 -18.18 22.59 -12.81
N THR B 202 -17.41 22.99 -13.80
CA THR B 202 -16.18 23.77 -13.60
C THR B 202 -16.17 24.87 -14.64
N ALA B 203 -15.98 26.11 -14.21
CA ALA B 203 -15.97 27.24 -15.13
C ALA B 203 -15.11 28.36 -14.58
N GLU B 204 -15.02 29.46 -15.34
CA GLU B 204 -14.24 30.60 -14.90
C GLU B 204 -15.04 31.44 -13.93
N VAL B 205 -14.34 31.98 -12.94
CA VAL B 205 -14.92 32.87 -11.96
C VAL B 205 -14.29 34.22 -12.32
N ARG B 206 -15.05 35.08 -12.98
CA ARG B 206 -14.58 36.38 -13.43
C ARG B 206 -14.87 37.52 -12.44
N LEU B 207 -13.83 38.26 -12.06
CA LEU B 207 -14.00 39.38 -11.13
C LEU B 207 -13.54 40.71 -11.73
N GLU B 208 -14.50 41.59 -12.03
CA GLU B 208 -14.22 42.90 -12.60
C GLU B 208 -14.65 44.03 -11.64
N GLU B 209 -13.67 44.58 -10.91
CA GLU B 209 -13.94 45.64 -9.95
C GLU B 209 -14.92 45.20 -8.88
N VAL B 210 -14.65 44.05 -8.30
CA VAL B 210 -15.50 43.49 -7.24
C VAL B 210 -15.08 44.05 -5.90
N PHE B 211 -16.03 44.59 -5.14
CA PHE B 211 -15.69 45.15 -3.83
C PHE B 211 -15.79 44.14 -2.70
N VAL B 212 -14.76 44.11 -1.85
CA VAL B 212 -14.71 43.19 -0.73
C VAL B 212 -14.46 43.94 0.57
N PRO B 213 -15.40 43.86 1.51
CA PRO B 213 -15.31 44.52 2.82
C PRO B 213 -14.08 44.09 3.59
N GLU B 214 -13.61 44.93 4.50
CA GLU B 214 -12.44 44.63 5.31
C GLU B 214 -12.63 43.32 6.08
N GLU B 215 -13.89 42.99 6.38
CA GLU B 215 -14.20 41.77 7.11
C GLU B 215 -14.20 40.51 6.25
N ASN B 216 -14.29 40.68 4.93
CA ASN B 216 -14.29 39.53 4.02
C ASN B 216 -12.89 39.04 3.71
N LEU B 217 -11.89 39.65 4.35
CA LEU B 217 -10.50 39.25 4.17
C LEU B 217 -10.23 38.08 5.12
N LEU B 218 -9.67 37.00 4.59
CA LEU B 218 -9.38 35.83 5.42
C LEU B 218 -7.97 35.82 5.97
N GLY B 219 -7.87 35.92 7.30
CA GLY B 219 -6.58 35.92 7.96
C GLY B 219 -5.59 36.97 7.51
N GLU B 220 -4.32 36.70 7.81
CA GLU B 220 -3.21 37.60 7.47
C GLU B 220 -3.08 37.91 5.99
N GLU B 221 -3.03 39.19 5.66
CA GLU B 221 -2.87 39.62 4.28
C GLU B 221 -1.46 39.26 3.83
N GLY B 222 -1.34 38.59 2.68
CA GLY B 222 -0.04 38.23 2.18
C GLY B 222 0.45 36.85 2.62
N ARG B 223 -0.34 36.18 3.44
CA ARG B 223 0.03 34.86 3.91
C ARG B 223 -1.03 33.84 3.46
N GLY B 224 -1.75 34.19 2.40
CA GLY B 224 -2.79 33.32 1.86
C GLY B 224 -2.32 32.04 1.23
N LEU B 225 -1.28 32.11 0.40
CA LEU B 225 -0.74 30.92 -0.26
C LEU B 225 -0.34 29.87 0.76
N ALA B 226 0.12 30.32 1.93
CA ALA B 226 0.54 29.42 3.00
C ALA B 226 -0.67 28.67 3.55
N TYR B 227 -1.79 29.37 3.69
CA TYR B 227 -3.02 28.76 4.19
C TYR B 227 -3.46 27.68 3.23
N ALA B 228 -3.46 28.01 1.94
CA ALA B 228 -3.85 27.10 0.88
C ALA B 228 -3.04 25.81 0.90
N LEU B 229 -1.72 25.94 0.91
CA LEU B 229 -0.86 24.76 0.93
C LEU B 229 -1.12 23.94 2.19
N ALA B 230 -1.49 24.62 3.26
CA ALA B 230 -1.76 23.93 4.53
C ALA B 230 -2.89 22.94 4.35
N GLY B 231 -3.93 23.36 3.63
CA GLY B 231 -5.07 22.50 3.39
C GLY B 231 -4.87 21.50 2.28
N LEU B 232 -3.85 21.70 1.44
CA LEU B 232 -3.60 20.80 0.33
C LEU B 232 -3.27 19.38 0.78
N ASP B 233 -2.54 19.22 1.87
CA ASP B 233 -2.21 17.89 2.33
C ASP B 233 -3.51 17.10 2.55
N SER B 234 -4.46 17.72 3.25
CA SER B 234 -5.75 17.08 3.51
C SER B 234 -6.48 16.81 2.21
N GLY B 235 -6.56 17.83 1.36
CA GLY B 235 -7.25 17.68 0.10
C GLY B 235 -6.72 16.51 -0.70
N ARG B 236 -5.40 16.32 -0.67
CA ARG B 236 -4.80 15.23 -1.42
C ARG B 236 -5.20 13.88 -0.86
N VAL B 237 -5.28 13.76 0.47
CA VAL B 237 -5.70 12.50 1.06
C VAL B 237 -7.13 12.28 0.59
N GLY B 238 -7.89 13.38 0.55
CA GLY B 238 -9.27 13.30 0.11
C GLY B 238 -9.40 12.85 -1.33
N VAL B 239 -8.58 13.41 -2.22
CA VAL B 239 -8.62 13.02 -3.63
C VAL B 239 -8.09 11.61 -3.81
N ALA B 240 -7.13 11.23 -2.97
CA ALA B 240 -6.57 9.89 -3.02
C ALA B 240 -7.71 8.92 -2.70
N ALA B 241 -8.48 9.27 -1.66
CA ALA B 241 -9.60 8.44 -1.24
C ALA B 241 -10.58 8.27 -2.40
N GLN B 242 -10.85 9.36 -3.10
CA GLN B 242 -11.77 9.33 -4.22
C GLN B 242 -11.22 8.45 -5.33
N ALA B 243 -9.92 8.55 -5.62
CA ALA B 243 -9.34 7.72 -6.67
C ALA B 243 -9.57 6.25 -6.33
N VAL B 244 -9.48 5.90 -5.06
CA VAL B 244 -9.70 4.52 -4.64
C VAL B 244 -11.15 4.13 -4.89
N GLY B 245 -12.06 5.07 -4.60
CA GLY B 245 -13.47 4.81 -4.81
C GLY B 245 -13.76 4.57 -6.27
N ILE B 246 -13.12 5.36 -7.14
CA ILE B 246 -13.32 5.21 -8.58
C ILE B 246 -12.84 3.83 -9.01
N ALA B 247 -11.73 3.38 -8.45
CA ALA B 247 -11.20 2.08 -8.81
C ALA B 247 -12.12 0.98 -8.27
N ARG B 248 -12.59 1.16 -7.04
CA ARG B 248 -13.47 0.17 -6.42
C ARG B 248 -14.79 0.05 -7.17
N GLY B 249 -15.38 1.19 -7.53
CA GLY B 249 -16.63 1.18 -8.25
C GLY B 249 -16.53 0.38 -9.54
N ALA B 250 -15.48 0.61 -10.32
CA ALA B 250 -15.31 -0.13 -11.57
C ALA B 250 -14.95 -1.59 -11.30
N PHE B 251 -14.17 -1.80 -10.25
CA PHE B 251 -13.73 -3.14 -9.86
C PHE B 251 -14.91 -4.08 -9.57
N GLU B 252 -15.81 -3.64 -8.71
CA GLU B 252 -16.96 -4.44 -8.33
C GLU B 252 -17.81 -4.87 -9.52
N ILE B 253 -17.91 -4.00 -10.53
CA ILE B 253 -18.68 -4.36 -11.71
C ILE B 253 -17.94 -5.45 -12.49
N ALA B 254 -16.62 -5.32 -12.58
CA ALA B 254 -15.80 -6.30 -13.30
C ALA B 254 -15.77 -7.66 -12.61
N LYS B 255 -15.68 -7.66 -11.29
CA LYS B 255 -15.63 -8.89 -10.52
C LYS B 255 -16.91 -9.69 -10.69
N ALA B 256 -18.04 -8.99 -10.63
CA ALA B 256 -19.34 -9.62 -10.78
C ALA B 256 -19.49 -10.13 -12.20
N TYR B 257 -19.09 -9.31 -13.16
CA TYR B 257 -19.22 -9.68 -14.55
C TYR B 257 -18.45 -10.95 -14.91
N ALA B 258 -17.22 -11.07 -14.42
CA ALA B 258 -16.38 -12.24 -14.74
C ALA B 258 -16.93 -13.52 -14.14
N GLU B 259 -17.90 -13.38 -13.25
CA GLU B 259 -18.53 -14.52 -12.59
C GLU B 259 -19.86 -14.90 -13.25
N GLU B 260 -20.39 -14.00 -14.06
CA GLU B 260 -21.64 -14.25 -14.75
C GLU B 260 -21.40 -14.57 -16.22
N ARG B 261 -20.65 -13.69 -16.87
CA ARG B 261 -20.35 -13.85 -18.29
C ARG B 261 -19.59 -15.13 -18.57
N GLU B 262 -19.97 -15.76 -19.68
CA GLU B 262 -19.31 -16.98 -20.11
C GLU B 262 -18.90 -16.86 -21.57
N GLN B 263 -17.74 -17.41 -21.89
CA GLN B 263 -17.24 -17.40 -23.25
C GLN B 263 -16.30 -18.59 -23.33
N PHE B 264 -16.40 -19.34 -24.42
CA PHE B 264 -15.58 -20.53 -24.64
C PHE B 264 -15.93 -21.64 -23.65
N GLY B 265 -17.17 -21.61 -23.15
CA GLY B 265 -17.62 -22.66 -22.25
C GLY B 265 -17.39 -22.50 -20.77
N LYS B 266 -16.81 -21.38 -20.34
CA LYS B 266 -16.57 -21.17 -18.92
C LYS B 266 -16.91 -19.75 -18.57
N LYS B 267 -17.08 -19.49 -17.27
CA LYS B 267 -17.33 -18.15 -16.80
C LYS B 267 -15.96 -17.48 -17.03
N LEU B 268 -15.95 -16.17 -17.30
CA LEU B 268 -14.71 -15.45 -17.56
C LEU B 268 -13.64 -15.67 -16.50
N LYS B 269 -14.03 -15.70 -15.24
CA LYS B 269 -13.06 -15.87 -14.15
C LYS B 269 -12.29 -17.17 -14.25
N GLU B 270 -12.78 -18.11 -15.05
CA GLU B 270 -12.11 -19.39 -15.22
C GLU B 270 -10.93 -19.36 -16.19
N HIS B 271 -10.76 -18.27 -16.92
CA HIS B 271 -9.62 -18.14 -17.82
C HIS B 271 -8.56 -17.39 -17.01
N GLN B 272 -7.37 -17.97 -16.86
CA GLN B 272 -6.33 -17.34 -16.05
C GLN B 272 -6.10 -15.86 -16.34
N ALA B 273 -6.08 -15.50 -17.62
CA ALA B 273 -5.85 -14.10 -17.98
C ALA B 273 -6.79 -13.19 -17.21
N ILE B 274 -8.08 -13.53 -17.22
CA ILE B 274 -9.08 -12.74 -16.52
C ILE B 274 -8.96 -12.79 -15.00
N ALA B 275 -8.78 -13.97 -14.45
CA ALA B 275 -8.67 -14.11 -12.99
C ALA B 275 -7.48 -13.28 -12.50
N PHE B 276 -6.41 -13.26 -13.30
CA PHE B 276 -5.22 -12.51 -12.93
C PHE B 276 -5.46 -11.00 -12.97
N LYS B 277 -6.31 -10.56 -13.89
CA LYS B 277 -6.65 -9.14 -13.98
C LYS B 277 -7.44 -8.75 -12.73
N ILE B 278 -8.38 -9.60 -12.32
CA ILE B 278 -9.18 -9.29 -11.13
C ILE B 278 -8.30 -9.26 -9.88
N ALA B 279 -7.30 -10.14 -9.83
CA ALA B 279 -6.40 -10.19 -8.69
C ALA B 279 -5.50 -8.94 -8.67
N ASP B 280 -4.98 -8.55 -9.83
CA ASP B 280 -4.12 -7.36 -9.90
C ASP B 280 -4.92 -6.11 -9.51
N MET B 281 -6.17 -6.03 -9.95
CA MET B 281 -7.01 -4.89 -9.61
C MET B 281 -7.12 -4.80 -8.10
N HIS B 282 -7.48 -5.91 -7.46
CA HIS B 282 -7.62 -5.94 -6.02
C HIS B 282 -6.37 -5.46 -5.28
N VAL B 283 -5.21 -6.00 -5.68
CA VAL B 283 -3.96 -5.64 -5.05
C VAL B 283 -3.67 -4.14 -5.16
N LYS B 284 -3.96 -3.56 -6.32
CA LYS B 284 -3.74 -2.13 -6.52
C LYS B 284 -4.65 -1.34 -5.58
N ILE B 285 -5.91 -1.75 -5.49
CA ILE B 285 -6.84 -1.05 -4.64
C ILE B 285 -6.47 -1.18 -3.15
N ALA B 286 -6.07 -2.37 -2.74
CA ALA B 286 -5.70 -2.59 -1.35
C ALA B 286 -4.48 -1.74 -0.98
N ALA B 287 -3.49 -1.72 -1.87
CA ALA B 287 -2.30 -0.92 -1.63
C ALA B 287 -2.66 0.57 -1.57
N ALA B 288 -3.49 1.03 -2.50
CA ALA B 288 -3.92 2.42 -2.55
C ALA B 288 -4.64 2.83 -1.27
N ARG B 289 -5.61 2.02 -0.83
CA ARG B 289 -6.35 2.32 0.38
C ARG B 289 -5.42 2.31 1.59
N ALA B 290 -4.47 1.38 1.60
CA ALA B 290 -3.55 1.27 2.72
C ALA B 290 -2.77 2.58 2.88
N LEU B 291 -2.35 3.17 1.77
CA LEU B 291 -1.60 4.41 1.82
C LEU B 291 -2.49 5.58 2.24
N VAL B 292 -3.76 5.53 1.85
CA VAL B 292 -4.72 6.57 2.18
C VAL B 292 -4.96 6.63 3.69
N LEU B 293 -5.28 5.47 4.27
CA LEU B 293 -5.56 5.38 5.71
C LEU B 293 -4.34 5.68 6.58
N GLU B 294 -3.16 5.29 6.11
CA GLU B 294 -1.94 5.57 6.85
C GLU B 294 -1.77 7.07 6.94
N ALA B 295 -2.09 7.77 5.84
CA ALA B 295 -1.97 9.23 5.81
C ALA B 295 -3.02 9.84 6.74
N ALA B 296 -4.25 9.34 6.63
CA ALA B 296 -5.35 9.84 7.44
C ALA B 296 -5.02 9.69 8.93
N ARG B 297 -4.43 8.55 9.28
CA ARG B 297 -4.08 8.31 10.67
C ARG B 297 -2.99 9.26 11.13
N LYS B 298 -2.05 9.55 10.24
CA LYS B 298 -0.97 10.44 10.61
C LYS B 298 -1.56 11.83 10.85
N LYS B 299 -2.48 12.24 10.00
CA LYS B 299 -3.13 13.53 10.15
C LYS B 299 -3.72 13.61 11.56
N ASP B 300 -4.53 12.62 11.91
CA ASP B 300 -5.15 12.59 13.22
C ASP B 300 -4.17 12.65 14.39
N ARG B 301 -2.91 12.28 14.15
CA ARG B 301 -1.91 12.32 15.21
C ARG B 301 -1.21 13.67 15.29
N GLY B 302 -1.73 14.64 14.54
CA GLY B 302 -1.15 15.98 14.55
C GLY B 302 0.27 16.08 14.01
N GLU B 303 0.70 15.09 13.23
CA GLU B 303 2.04 15.11 12.67
C GLU B 303 2.03 15.61 11.23
N ARG B 304 3.19 16.06 10.77
CA ARG B 304 3.32 16.55 9.40
C ARG B 304 3.11 15.34 8.49
N PHE B 305 2.19 15.45 7.53
CA PHE B 305 1.94 14.33 6.65
C PHE B 305 1.94 14.69 5.16
N THR B 306 2.73 15.70 4.81
CA THR B 306 2.85 16.16 3.43
C THR B 306 3.34 15.04 2.50
N LEU B 307 4.33 14.29 2.97
CA LEU B 307 4.91 13.20 2.21
C LEU B 307 3.91 12.07 1.96
N GLU B 308 3.26 11.62 3.02
CA GLU B 308 2.29 10.53 2.92
C GLU B 308 1.06 10.91 2.10
N ALA B 309 0.76 12.20 2.06
CA ALA B 309 -0.39 12.70 1.31
C ALA B 309 -0.12 12.66 -0.20
N SER B 310 1.07 13.10 -0.61
CA SER B 310 1.40 13.08 -2.03
C SER B 310 1.57 11.65 -2.49
N ALA B 311 2.17 10.82 -1.64
CA ALA B 311 2.37 9.43 -1.99
C ALA B 311 1.03 8.77 -2.30
N ALA B 312 0.07 8.95 -1.40
CA ALA B 312 -1.26 8.36 -1.54
C ALA B 312 -2.00 8.91 -2.75
N LYS B 313 -1.93 10.22 -2.95
CA LYS B 313 -2.61 10.84 -4.08
C LYS B 313 -2.00 10.28 -5.38
N LEU B 314 -0.67 10.33 -5.47
CA LEU B 314 0.04 9.82 -6.65
C LEU B 314 -0.27 8.36 -6.96
N PHE B 315 -0.11 7.48 -5.97
CA PHE B 315 -0.34 6.05 -6.19
C PHE B 315 -1.80 5.72 -6.51
N ALA B 316 -2.72 6.27 -5.73
CA ALA B 316 -4.14 6.01 -5.94
C ALA B 316 -4.65 6.47 -7.30
N SER B 317 -4.27 7.66 -7.71
CA SER B 317 -4.74 8.14 -9.02
C SER B 317 -4.21 7.21 -10.12
N ALA B 318 -2.96 6.77 -10.00
CA ALA B 318 -2.39 5.88 -11.00
C ALA B 318 -3.14 4.54 -10.92
N ALA B 319 -3.46 4.12 -9.69
CA ALA B 319 -4.17 2.88 -9.48
C ALA B 319 -5.56 2.97 -10.13
N ALA B 320 -6.22 4.11 -9.95
CA ALA B 320 -7.54 4.32 -10.51
C ALA B 320 -7.53 4.17 -12.03
N VAL B 321 -6.55 4.80 -12.67
CA VAL B 321 -6.44 4.72 -14.12
C VAL B 321 -6.16 3.29 -14.56
N GLU B 322 -5.23 2.64 -13.86
CA GLU B 322 -4.84 1.27 -14.18
C GLU B 322 -5.95 0.25 -13.94
N VAL B 323 -6.74 0.45 -12.90
CA VAL B 323 -7.83 -0.48 -12.59
C VAL B 323 -8.94 -0.34 -13.60
N THR B 324 -9.42 0.89 -13.82
CA THR B 324 -10.51 1.12 -14.75
C THR B 324 -10.21 0.65 -16.17
N ARG B 325 -8.95 0.72 -16.57
CA ARG B 325 -8.57 0.28 -17.91
C ARG B 325 -8.85 -1.22 -18.03
N GLU B 326 -8.50 -1.97 -16.99
CA GLU B 326 -8.73 -3.41 -16.98
C GLU B 326 -10.21 -3.74 -16.72
N ALA B 327 -10.88 -2.88 -15.94
CA ALA B 327 -12.28 -3.12 -15.65
C ALA B 327 -13.08 -3.12 -16.96
N VAL B 328 -12.81 -2.14 -17.80
CA VAL B 328 -13.49 -2.06 -19.09
C VAL B 328 -13.16 -3.31 -19.88
N GLN B 329 -11.88 -3.67 -19.90
CA GLN B 329 -11.40 -4.85 -20.62
C GLN B 329 -12.17 -6.15 -20.30
N VAL B 330 -12.41 -6.39 -19.02
CA VAL B 330 -13.12 -7.57 -18.57
C VAL B 330 -14.51 -7.69 -19.20
N LEU B 331 -15.21 -6.57 -19.38
CA LEU B 331 -16.55 -6.61 -19.96
C LEU B 331 -16.56 -6.63 -21.49
N GLY B 332 -15.38 -6.75 -22.11
CA GLY B 332 -15.30 -6.78 -23.55
C GLY B 332 -15.98 -5.56 -24.14
N GLY B 333 -16.66 -5.74 -25.26
CA GLY B 333 -17.35 -4.63 -25.87
C GLY B 333 -18.25 -3.88 -24.92
N TYR B 334 -18.96 -4.61 -24.05
CA TYR B 334 -19.87 -3.98 -23.10
C TYR B 334 -19.19 -3.00 -22.15
N GLY B 335 -17.89 -3.16 -21.94
CA GLY B 335 -17.18 -2.25 -21.06
C GLY B 335 -17.07 -0.88 -21.69
N TYR B 336 -17.36 -0.83 -22.98
CA TYR B 336 -17.28 0.40 -23.72
C TYR B 336 -18.67 1.03 -23.80
N HIS B 337 -19.68 0.29 -23.36
CA HIS B 337 -21.07 0.76 -23.41
C HIS B 337 -21.46 1.56 -22.19
N ARG B 338 -22.08 2.71 -22.41
CA ARG B 338 -22.50 3.60 -21.34
C ARG B 338 -23.37 2.91 -20.27
N ASP B 339 -24.21 1.97 -20.68
CA ASP B 339 -25.08 1.29 -19.73
C ASP B 339 -24.36 0.43 -18.69
N TYR B 340 -23.07 0.18 -18.87
CA TYR B 340 -22.32 -0.65 -17.93
C TYR B 340 -21.43 0.07 -16.93
N ARG B 341 -21.48 1.40 -16.95
CA ARG B 341 -20.73 2.25 -16.02
C ARG B 341 -19.19 2.20 -15.97
N VAL B 342 -18.56 1.06 -16.23
CA VAL B 342 -17.11 1.05 -16.16
C VAL B 342 -16.46 2.08 -17.08
N GLU B 343 -17.11 2.39 -18.21
CA GLU B 343 -16.55 3.38 -19.14
C GLU B 343 -16.56 4.77 -18.51
N ARG B 344 -17.57 5.01 -17.66
CA ARG B 344 -17.67 6.29 -16.99
C ARG B 344 -16.55 6.41 -15.95
N TYR B 345 -16.21 5.29 -15.29
CA TYR B 345 -15.15 5.31 -14.28
C TYR B 345 -13.80 5.53 -14.95
N TYR B 346 -13.61 4.93 -16.12
CA TYR B 346 -12.37 5.08 -16.87
C TYR B 346 -12.11 6.55 -17.19
N ARG B 347 -13.15 7.24 -17.66
CA ARG B 347 -13.05 8.66 -18.02
C ARG B 347 -12.77 9.53 -16.80
N ASP B 348 -13.42 9.23 -15.68
CA ASP B 348 -13.22 10.00 -14.45
C ASP B 348 -11.84 9.76 -13.84
N ALA B 349 -11.38 8.51 -13.88
CA ALA B 349 -10.09 8.15 -13.31
C ALA B 349 -8.93 9.04 -13.74
N LYS B 350 -8.76 9.19 -15.04
CA LYS B 350 -7.68 9.97 -15.60
C LYS B 350 -7.47 11.34 -14.96
N VAL B 351 -8.56 12.05 -14.66
CA VAL B 351 -8.41 13.38 -14.09
C VAL B 351 -7.80 13.44 -12.69
N THR B 352 -7.84 12.33 -11.94
CA THR B 352 -7.26 12.32 -10.60
C THR B 352 -5.75 12.49 -10.64
N GLU B 353 -5.17 12.28 -11.81
CA GLU B 353 -3.72 12.44 -11.98
C GLU B 353 -3.40 13.91 -12.28
N ILE B 354 -4.43 14.73 -12.44
CA ILE B 354 -4.25 16.13 -12.78
C ILE B 354 -4.60 17.14 -11.69
N TYR B 355 -5.84 17.14 -11.22
CA TYR B 355 -6.25 18.11 -10.21
C TYR B 355 -5.75 17.78 -8.81
N GLU B 356 -5.70 18.80 -7.97
CA GLU B 356 -5.24 18.70 -6.59
C GLU B 356 -3.74 18.41 -6.59
N GLY B 357 -3.07 18.84 -7.66
CA GLY B 357 -1.64 18.63 -7.80
C GLY B 357 -1.36 17.47 -8.76
N THR B 358 -0.86 17.80 -9.96
CA THR B 358 -0.57 16.78 -10.95
C THR B 358 0.42 15.75 -10.41
N SER B 359 0.48 14.60 -11.08
CA SER B 359 1.39 13.53 -10.68
C SER B 359 2.84 14.06 -10.70
N GLU B 360 3.16 14.94 -11.65
CA GLU B 360 4.50 15.51 -11.71
C GLU B 360 4.76 16.34 -10.45
N ILE B 361 3.81 17.20 -10.09
CA ILE B 361 3.97 18.02 -8.89
C ILE B 361 4.01 17.15 -7.62
N GLN B 362 3.21 16.08 -7.57
CA GLN B 362 3.25 15.21 -6.41
C GLN B 362 4.66 14.63 -6.29
N ARG B 363 5.30 14.36 -7.42
CA ARG B 363 6.66 13.82 -7.36
C ARG B 363 7.65 14.85 -6.84
N LEU B 364 7.51 16.10 -7.25
CA LEU B 364 8.40 17.15 -6.77
C LEU B 364 8.26 17.28 -5.25
N VAL B 365 7.03 17.25 -4.77
CA VAL B 365 6.77 17.37 -3.33
C VAL B 365 7.39 16.21 -2.58
N ILE B 366 7.16 15.00 -3.07
CA ILE B 366 7.71 13.79 -2.44
C ILE B 366 9.23 13.87 -2.36
N ALA B 367 9.88 14.13 -3.48
CA ALA B 367 11.34 14.22 -3.50
C ALA B 367 11.80 15.32 -2.53
N ARG B 368 11.14 16.46 -2.56
CA ARG B 368 11.51 17.56 -1.69
C ARG B 368 11.47 17.10 -0.23
N GLU B 369 10.38 16.42 0.14
CA GLU B 369 10.22 15.91 1.50
C GLU B 369 11.30 14.88 1.85
N LEU B 370 11.61 14.00 0.92
CA LEU B 370 12.61 12.97 1.17
C LEU B 370 13.97 13.55 1.48
N TYR B 371 14.29 14.69 0.88
CA TYR B 371 15.59 15.32 1.07
C TYR B 371 15.57 16.52 2.02
N ARG B 372 14.57 16.56 2.90
CA ARG B 372 14.43 17.67 3.83
C ARG B 372 15.53 17.71 4.88
#